data_8FXS
#
_entry.id   8FXS
#
_cell.length_a   69.683
_cell.length_b   89.554
_cell.length_c   89.740
_cell.angle_alpha   90.00
_cell.angle_beta   95.00
_cell.angle_gamma   90.00
#
_symmetry.space_group_name_H-M   'P 1 21 1'
#
loop_
_entity.id
_entity.type
_entity.pdbx_description
1 polymer 'Transforming growth factor beta-2 proprotein'
2 polymer 'Nanobody clone 9'
3 non-polymer 2-acetamido-2-deoxy-beta-D-glucopyranose
4 water water
#
loop_
_entity_poly.entity_id
_entity_poly.type
_entity_poly.pdbx_seq_one_letter_code
_entity_poly.pdbx_strand_id
1 'polypeptide(L)'
;GPSLSTSSTLDMDQFMRKRIEAIRGQILSKLKLTSPPEDYPEPEEVPPEVISIYNSTRDLLQEKASRRAAACERERSDEE
YYAKEVYKIDMPPFFPSENAIPPTFYRPYFRIVRFDVSAMEKRASNLVKAEFRVFRLQNPKARVPEQRIELYQILKSKDL
TSPTQRYIDSKVVKTRAEGEWLSFDVTDAVHEWLHHKDRNLGFKISLHCPCCTFVPSNNYIIPNKSEELEARFAGIDGTS
TYTSGDQKTIKSTRKKNSGKTPHLLLMLLPSYRLESQQTNGALDAAYCFRNVQDNCCLRPLYIDFKRDLGWKWIHEPKGY
NANFCAGACPYLWSSDTQHSRVLSLYNTINPEASASPCCVSQDLEPLTILYYIGKTPKIEQLSNMIVKSCKCS
;
A,B
2 'polypeptide(L)'
;QVQLQESGGGLVQAGGSLRLSCAASGTIFEANIMGWYRQAPGKERELVAGIGYGSSTYYADSVKSRFTISRDNAKNTVYL
QMNSLKPEDTAVYYCAAQNRDGWYFYYWGQGTQVTVSSHHHHHH
;
D,E
#
loop_
_chem_comp.id
_chem_comp.type
_chem_comp.name
_chem_comp.formula
NAG D-saccharide, beta linking 2-acetamido-2-deoxy-beta-D-glucopyranose 'C8 H15 N O6'
#
# COMPACT_ATOMS: atom_id res chain seq x y z
N MET A 12 44.08 4.72 10.02
CA MET A 12 43.10 3.66 10.17
C MET A 12 43.57 2.61 11.19
N ASP A 13 44.87 2.61 11.47
CA ASP A 13 45.42 1.66 12.44
C ASP A 13 44.83 1.91 13.83
N GLN A 14 44.78 3.17 14.25
CA GLN A 14 44.18 3.51 15.53
C GLN A 14 42.70 3.82 15.43
N PHE A 15 42.12 3.83 14.23
CA PHE A 15 40.69 4.03 14.08
C PHE A 15 39.90 2.74 14.17
N MET A 16 40.49 1.62 13.77
CA MET A 16 39.88 0.31 14.04
C MET A 16 39.87 0.01 15.52
N ARG A 17 40.95 0.33 16.23
CA ARG A 17 41.06 0.02 17.65
C ARG A 17 39.93 0.63 18.47
N LYS A 18 39.36 1.74 18.01
CA LYS A 18 38.29 2.39 18.78
C LYS A 18 36.91 1.87 18.43
N ARG A 19 36.62 1.62 17.15
CA ARG A 19 35.33 1.04 16.78
C ARG A 19 35.03 -0.22 17.59
N ILE A 20 36.02 -1.10 17.72
CA ILE A 20 35.82 -2.33 18.49
C ILE A 20 35.39 -1.99 19.92
N GLU A 21 36.06 -1.02 20.53
CA GLU A 21 35.71 -0.64 21.90
C GLU A 21 34.38 0.13 21.93
N ALA A 22 34.11 0.93 20.90
CA ALA A 22 32.82 1.61 20.84
C ALA A 22 31.68 0.63 20.59
N ILE A 23 31.95 -0.45 19.85
CA ILE A 23 30.91 -1.45 19.61
C ILE A 23 30.67 -2.28 20.87
N ARG A 24 31.73 -2.57 21.62
CA ARG A 24 31.56 -3.30 22.87
C ARG A 24 30.60 -2.57 23.80
N GLY A 25 30.78 -1.25 23.93
CA GLY A 25 29.87 -0.47 24.75
C GLY A 25 28.49 -0.31 24.12
N GLN A 26 28.44 -0.20 22.80
CA GLN A 26 27.16 -0.02 22.13
C GLN A 26 26.29 -1.27 22.26
N ILE A 27 26.91 -2.45 22.23
CA ILE A 27 26.15 -3.69 22.37
C ILE A 27 25.53 -3.76 23.76
N LEU A 28 26.37 -3.65 24.80
CA LEU A 28 25.85 -3.74 26.17
C LEU A 28 24.93 -2.58 26.51
N SER A 29 25.11 -1.42 25.85
CA SER A 29 24.23 -0.28 26.12
C SER A 29 22.82 -0.54 25.58
N LYS A 30 22.72 -1.05 24.36
CA LYS A 30 21.42 -1.36 23.80
C LYS A 30 20.76 -2.50 24.56
N LEU A 31 21.55 -3.41 25.13
CA LEU A 31 21.05 -4.46 25.99
C LEU A 31 20.89 -4.00 27.43
N LYS A 32 21.40 -2.81 27.77
CA LYS A 32 21.41 -2.30 29.13
C LYS A 32 21.95 -3.37 30.10
N LEU A 33 23.09 -3.95 29.71
CA LEU A 33 23.83 -4.88 30.55
C LEU A 33 25.09 -4.17 31.04
N THR A 34 25.18 -3.95 32.34
CA THR A 34 26.35 -3.29 32.91
C THR A 34 27.62 -4.10 32.68
N SER A 35 27.48 -5.40 32.44
CA SER A 35 28.63 -6.27 32.17
C SER A 35 28.11 -7.49 31.42
N PRO A 36 28.99 -8.19 30.69
CA PRO A 36 28.52 -9.32 29.89
C PRO A 36 28.08 -10.46 30.77
N PRO A 37 27.19 -11.34 30.28
CA PRO A 37 26.76 -12.49 31.06
C PRO A 37 27.95 -13.35 31.46
N GLU A 38 27.80 -14.03 32.58
CA GLU A 38 28.81 -14.94 33.08
C GLU A 38 28.41 -16.40 32.89
N ASP A 39 27.24 -16.80 33.40
CA ASP A 39 26.78 -18.18 33.32
C ASP A 39 26.13 -18.45 31.96
N TYR A 40 26.90 -18.22 30.90
CA TYR A 40 26.48 -18.58 29.56
C TYR A 40 26.62 -20.08 29.37
N PRO A 41 25.58 -20.79 28.92
CA PRO A 41 25.73 -22.24 28.73
C PRO A 41 26.66 -22.57 27.58
N GLU A 42 26.80 -23.85 27.26
CA GLU A 42 27.68 -24.32 26.20
C GLU A 42 26.91 -24.61 24.92
N PRO A 43 27.46 -24.21 23.76
CA PRO A 43 26.74 -24.37 22.49
C PRO A 43 26.64 -25.80 21.99
N GLU A 44 27.19 -26.79 22.71
CA GLU A 44 27.15 -28.17 22.20
C GLU A 44 25.72 -28.68 22.07
N GLU A 45 24.77 -28.12 22.85
CA GLU A 45 23.37 -28.51 22.75
C GLU A 45 22.52 -27.25 23.01
N VAL A 46 22.16 -26.57 21.92
CA VAL A 46 21.21 -25.48 21.94
C VAL A 46 19.95 -25.95 21.20
N PRO A 47 18.78 -25.91 21.82
CA PRO A 47 17.58 -26.48 21.18
C PRO A 47 17.36 -25.90 19.80
N PRO A 48 16.87 -26.69 18.84
CA PRO A 48 16.60 -26.14 17.50
C PRO A 48 15.52 -25.08 17.51
N GLU A 49 14.59 -25.14 18.45
CA GLU A 49 13.53 -24.13 18.51
C GLU A 49 14.11 -22.75 18.79
N VAL A 50 15.20 -22.67 19.55
CA VAL A 50 15.84 -21.38 19.80
C VAL A 50 16.53 -20.90 18.53
N ILE A 51 17.20 -21.81 17.81
CA ILE A 51 17.83 -21.43 16.55
C ILE A 51 16.78 -21.04 15.51
N SER A 52 15.55 -21.51 15.67
CA SER A 52 14.50 -21.14 14.73
C SER A 52 14.09 -19.68 14.90
N ILE A 53 14.07 -19.20 16.15
CA ILE A 53 13.75 -17.79 16.39
C ILE A 53 14.84 -16.89 15.83
N TYR A 54 16.10 -17.29 15.96
CA TYR A 54 17.19 -16.50 15.40
C TYR A 54 17.08 -16.46 13.89
N ASN A 55 16.61 -17.56 13.28
CA ASN A 55 16.49 -17.65 11.84
C ASN A 55 15.38 -16.78 11.29
N SER A 56 14.30 -16.61 12.04
CA SER A 56 13.17 -15.84 11.53
C SER A 56 13.41 -14.35 11.69
N THR A 57 14.07 -13.96 12.79
CA THR A 57 14.45 -12.57 12.97
C THR A 57 15.52 -12.18 11.96
N ARG A 58 16.54 -13.03 11.79
CA ARG A 58 17.58 -12.77 10.79
C ARG A 58 16.98 -12.65 9.39
N ASP A 59 16.28 -13.69 8.94
CA ASP A 59 15.74 -13.68 7.58
C ASP A 59 14.78 -12.52 7.37
N LEU A 60 14.05 -12.13 8.41
CA LEU A 60 13.15 -10.98 8.30
C LEU A 60 13.95 -9.71 8.00
N LEU A 61 14.96 -9.42 8.82
CA LEU A 61 15.75 -8.20 8.61
C LEU A 61 16.43 -8.23 7.24
N GLN A 62 16.88 -9.40 6.80
CA GLN A 62 17.49 -9.50 5.48
C GLN A 62 16.52 -9.05 4.39
N GLU A 63 15.23 -9.37 4.54
CA GLU A 63 14.23 -8.97 3.55
C GLU A 63 13.96 -7.48 3.63
N LYS A 64 13.77 -6.95 4.84
CA LYS A 64 13.52 -5.52 5.02
C LYS A 64 14.64 -4.66 4.47
N ALA A 65 15.81 -5.24 4.21
CA ALA A 65 16.93 -4.48 3.64
C ALA A 65 16.49 -3.72 2.41
N SER A 66 15.67 -4.32 1.57
CA SER A 66 15.15 -3.63 0.38
C SER A 66 14.34 -2.40 0.78
N ASP A 78 13.34 7.22 22.47
CA ASP A 78 14.52 6.40 22.71
C ASP A 78 14.16 4.91 22.82
N GLU A 79 12.93 4.57 22.45
CA GLU A 79 12.55 3.17 22.38
C GLU A 79 13.20 2.45 21.20
N GLU A 80 13.80 3.18 20.27
CA GLU A 80 14.48 2.58 19.13
C GLU A 80 15.94 2.25 19.39
N TYR A 81 16.55 2.85 20.41
CA TYR A 81 17.95 2.55 20.71
C TYR A 81 18.09 1.17 21.32
N TYR A 82 17.30 0.88 22.35
CA TYR A 82 17.48 -0.33 23.14
C TYR A 82 17.01 -1.56 22.37
N ALA A 83 17.67 -2.68 22.64
CA ALA A 83 17.38 -3.93 21.94
C ALA A 83 15.95 -4.38 22.21
N LYS A 84 15.47 -5.29 21.36
CA LYS A 84 14.10 -5.78 21.41
C LYS A 84 14.11 -7.30 21.50
N GLU A 85 13.36 -7.84 22.45
CA GLU A 85 13.22 -9.29 22.57
C GLU A 85 12.25 -9.78 21.50
N VAL A 86 12.62 -10.85 20.82
CA VAL A 86 11.81 -11.42 19.75
C VAL A 86 11.18 -12.70 20.26
N TYR A 87 9.86 -12.76 20.19
CA TYR A 87 9.10 -13.96 20.51
C TYR A 87 8.46 -14.48 19.23
N LYS A 88 8.50 -15.80 19.04
CA LYS A 88 7.99 -16.44 17.83
C LYS A 88 6.83 -17.33 18.22
N ILE A 89 5.66 -17.05 17.65
CA ILE A 89 4.44 -17.81 17.90
C ILE A 89 4.09 -18.55 16.62
N ASP A 90 4.31 -19.85 16.62
CA ASP A 90 4.06 -20.66 15.44
C ASP A 90 2.56 -20.85 15.24
N MET A 91 2.21 -21.55 14.17
CA MET A 91 0.82 -21.91 13.93
C MET A 91 0.40 -23.04 14.86
N PRO A 92 -0.80 -22.97 15.44
CA PRO A 92 -1.23 -24.04 16.37
C PRO A 92 -1.20 -25.40 15.70
N PRO A 93 -0.63 -26.41 16.36
CA PRO A 93 -0.63 -27.76 15.78
C PRO A 93 -2.01 -28.39 15.93
N PHE A 94 -2.52 -28.98 14.84
CA PHE A 94 -3.84 -29.57 14.83
C PHE A 94 -3.76 -31.08 15.03
N PHE A 95 -4.51 -31.58 16.00
CA PHE A 95 -4.59 -33.01 16.27
C PHE A 95 -6.01 -33.47 15.98
N PRO A 96 -6.26 -34.17 14.87
CA PRO A 96 -7.66 -34.45 14.48
C PRO A 96 -8.42 -35.32 15.47
N SER A 97 -7.75 -35.97 16.42
CA SER A 97 -8.44 -36.80 17.40
C SER A 97 -9.06 -35.99 18.53
N GLU A 98 -8.70 -34.72 18.67
CA GLU A 98 -9.19 -33.87 19.75
C GLU A 98 -10.32 -32.97 19.26
N ASN A 99 -10.89 -32.21 20.18
CA ASN A 99 -12.02 -31.33 19.88
C ASN A 99 -11.55 -29.89 19.67
N ALA A 100 -10.69 -29.71 18.67
CA ALA A 100 -10.10 -28.42 18.35
C ALA A 100 -10.50 -28.02 16.93
N ILE A 101 -10.80 -26.74 16.76
CA ILE A 101 -11.11 -26.22 15.42
C ILE A 101 -9.81 -26.05 14.65
N PRO A 102 -9.71 -26.57 13.43
CA PRO A 102 -8.42 -26.53 12.72
C PRO A 102 -7.92 -25.11 12.58
N PRO A 103 -6.61 -24.92 12.43
CA PRO A 103 -6.07 -23.56 12.26
C PRO A 103 -6.24 -22.98 10.88
N THR A 104 -6.57 -23.79 9.87
CA THR A 104 -6.67 -23.33 8.49
C THR A 104 -8.04 -23.68 7.91
N PHE A 105 -8.55 -22.79 7.06
CA PHE A 105 -9.78 -23.03 6.33
C PHE A 105 -9.58 -22.56 4.90
N TYR A 106 -9.99 -23.40 3.95
CA TYR A 106 -9.68 -23.19 2.55
C TYR A 106 -10.91 -22.71 1.78
N ARG A 107 -10.64 -21.99 0.68
CA ARG A 107 -11.64 -21.59 -0.29
C ARG A 107 -10.88 -21.06 -1.51
N PRO A 108 -11.36 -21.31 -2.74
CA PRO A 108 -10.56 -20.96 -3.92
C PRO A 108 -10.04 -19.54 -3.99
N TYR A 109 -10.59 -18.63 -3.18
CA TYR A 109 -10.24 -17.22 -3.27
C TYR A 109 -9.49 -16.67 -2.06
N PHE A 110 -9.44 -17.41 -0.95
CA PHE A 110 -8.72 -16.93 0.22
C PHE A 110 -8.32 -18.11 1.10
N ARG A 111 -7.38 -17.84 2.00
CA ARG A 111 -6.97 -18.77 3.03
C ARG A 111 -7.13 -18.10 4.39
N ILE A 112 -7.49 -18.90 5.38
CA ILE A 112 -7.73 -18.41 6.74
C ILE A 112 -6.75 -19.10 7.68
N VAL A 113 -6.06 -18.29 8.49
CA VAL A 113 -5.18 -18.80 9.53
C VAL A 113 -5.54 -18.11 10.83
N ARG A 114 -5.47 -18.85 11.93
CA ARG A 114 -5.72 -18.31 13.26
C ARG A 114 -4.58 -18.73 14.18
N PHE A 115 -4.16 -17.80 15.03
CA PHE A 115 -3.06 -18.02 15.96
C PHE A 115 -3.58 -18.03 17.40
N ASP A 116 -2.85 -18.73 18.26
CA ASP A 116 -3.11 -18.75 19.70
C ASP A 116 -2.07 -17.86 20.36
N VAL A 117 -2.48 -16.66 20.74
CA VAL A 117 -1.60 -15.64 21.28
C VAL A 117 -1.85 -15.42 22.77
N SER A 118 -2.46 -16.40 23.44
CA SER A 118 -2.80 -16.23 24.85
C SER A 118 -1.58 -16.15 25.75
N ALA A 119 -0.44 -16.72 25.32
CA ALA A 119 0.75 -16.70 26.16
C ALA A 119 1.32 -15.30 26.31
N MET A 120 1.14 -14.44 25.31
CA MET A 120 1.70 -13.10 25.33
C MET A 120 0.72 -12.06 25.84
N GLU A 121 -0.48 -12.46 26.29
CA GLU A 121 -1.41 -11.49 26.85
C GLU A 121 -0.83 -10.82 28.08
N LYS A 122 -0.01 -11.54 28.85
CA LYS A 122 0.63 -10.95 30.02
C LYS A 122 1.64 -9.89 29.63
N ARG A 123 2.22 -10.00 28.43
CA ARG A 123 3.28 -9.11 27.97
C ARG A 123 2.77 -8.06 27.00
N ALA A 124 1.45 -7.88 26.88
CA ALA A 124 0.91 -6.95 25.90
C ALA A 124 1.36 -5.52 26.15
N SER A 125 1.61 -5.17 27.41
CA SER A 125 2.02 -3.80 27.75
C SER A 125 3.42 -3.45 27.25
N ASN A 126 4.15 -4.40 26.64
CA ASN A 126 5.49 -4.16 26.15
C ASN A 126 5.67 -4.46 24.67
N LEU A 127 4.59 -4.80 23.97
CA LEU A 127 4.71 -5.14 22.55
C LEU A 127 4.98 -3.89 21.72
N VAL A 128 5.90 -4.03 20.76
CA VAL A 128 6.33 -2.94 19.90
C VAL A 128 5.94 -3.19 18.44
N LYS A 129 6.21 -4.40 17.95
CA LYS A 129 5.96 -4.73 16.55
C LYS A 129 5.72 -6.22 16.41
N ALA A 130 4.88 -6.57 15.44
CA ALA A 130 4.55 -7.97 15.15
C ALA A 130 4.59 -8.16 13.64
N GLU A 131 5.08 -9.32 13.22
CA GLU A 131 5.25 -9.61 11.81
C GLU A 131 4.67 -10.99 11.52
N PHE A 132 3.73 -11.05 10.59
CA PHE A 132 3.15 -12.31 10.15
C PHE A 132 3.98 -12.82 8.97
N ARG A 133 4.74 -13.89 9.19
CA ARG A 133 5.63 -14.44 8.19
C ARG A 133 5.05 -15.76 7.68
N VAL A 134 4.74 -15.82 6.39
CA VAL A 134 4.24 -17.02 5.74
C VAL A 134 5.09 -17.29 4.52
N PHE A 135 5.35 -18.56 4.24
CA PHE A 135 6.18 -18.96 3.11
C PHE A 135 5.30 -19.20 1.89
N ARG A 136 5.64 -18.54 0.78
CA ARG A 136 4.93 -18.68 -0.48
C ARG A 136 5.63 -19.72 -1.34
N LEU A 137 4.95 -20.85 -1.57
CA LEU A 137 5.52 -21.93 -2.34
C LEU A 137 5.58 -21.56 -3.83
N GLN A 138 6.30 -22.39 -4.59
CA GLN A 138 6.39 -22.25 -6.03
C GLN A 138 5.32 -23.13 -6.68
N ASN A 139 4.47 -22.50 -7.51
CA ASN A 139 3.44 -23.21 -8.27
C ASN A 139 3.84 -23.19 -9.74
N PRO A 140 4.66 -24.15 -10.20
CA PRO A 140 5.14 -24.08 -11.59
C PRO A 140 4.04 -24.18 -12.63
N LYS A 141 2.84 -24.62 -12.24
CA LYS A 141 1.71 -24.73 -13.16
C LYS A 141 0.60 -23.76 -12.78
N ALA A 142 0.97 -22.51 -12.47
CA ALA A 142 0.00 -21.50 -12.12
C ALA A 142 -0.61 -20.89 -13.37
N ARG A 143 -1.89 -20.55 -13.28
CA ARG A 143 -2.59 -19.99 -14.44
C ARG A 143 -2.12 -18.59 -14.74
N VAL A 144 -2.22 -17.68 -13.78
CA VAL A 144 -1.78 -16.29 -13.94
C VAL A 144 -0.44 -16.14 -13.26
N PRO A 145 0.59 -15.62 -13.95
CA PRO A 145 1.93 -15.57 -13.34
C PRO A 145 2.11 -14.51 -12.26
N GLU A 146 1.19 -13.56 -12.12
CA GLU A 146 1.33 -12.49 -11.15
C GLU A 146 -0.04 -12.17 -10.57
N GLN A 147 -0.10 -12.05 -9.25
CA GLN A 147 -1.34 -11.76 -8.54
C GLN A 147 -1.05 -10.81 -7.38
N ARG A 148 -2.07 -10.04 -7.02
CA ARG A 148 -2.00 -9.15 -5.87
C ARG A 148 -2.87 -9.74 -4.76
N ILE A 149 -2.24 -10.11 -3.65
CA ILE A 149 -2.94 -10.70 -2.53
C ILE A 149 -3.08 -9.65 -1.43
N GLU A 150 -4.15 -9.75 -0.67
CA GLU A 150 -4.50 -8.79 0.37
C GLU A 150 -4.66 -9.52 1.70
N LEU A 151 -4.16 -8.91 2.76
CA LEU A 151 -4.25 -9.48 4.11
C LEU A 151 -5.30 -8.71 4.89
N TYR A 152 -6.25 -9.44 5.48
CA TYR A 152 -7.32 -8.86 6.27
C TYR A 152 -7.28 -9.44 7.69
N GLN A 153 -7.73 -8.64 8.65
CA GLN A 153 -7.98 -9.11 10.00
C GLN A 153 -9.46 -9.45 10.13
N ILE A 154 -9.77 -10.72 10.37
CA ILE A 154 -11.15 -11.12 10.50
C ILE A 154 -11.76 -10.44 11.72
N LEU A 155 -13.03 -10.06 11.59
CA LEU A 155 -13.73 -9.31 12.62
C LEU A 155 -15.05 -9.98 12.95
N LYS A 156 -15.48 -9.82 14.20
CA LYS A 156 -16.75 -10.36 14.67
C LYS A 156 -17.85 -9.31 14.49
N SER A 157 -18.84 -9.63 13.65
CA SER A 157 -19.97 -8.74 13.42
C SER A 157 -21.14 -9.11 14.32
N LEU A 160 -24.69 -7.55 13.11
CA LEU A 160 -25.00 -7.46 11.68
C LEU A 160 -24.85 -6.02 11.20
N THR A 161 -25.01 -5.83 9.89
CA THR A 161 -24.91 -4.50 9.26
C THR A 161 -23.67 -3.75 9.76
N SER A 162 -22.52 -4.39 9.59
CA SER A 162 -21.25 -3.84 10.05
C SER A 162 -20.13 -4.72 9.50
N PRO A 163 -18.86 -4.42 9.73
CA PRO A 163 -17.81 -5.04 8.93
C PRO A 163 -17.49 -6.46 9.38
N THR A 164 -16.90 -7.21 8.46
CA THR A 164 -16.48 -8.58 8.69
C THR A 164 -14.99 -8.79 8.46
N GLN A 165 -14.26 -7.74 8.11
CA GLN A 165 -12.83 -7.85 7.82
C GLN A 165 -12.24 -6.45 7.79
N ARG A 166 -10.95 -6.36 8.14
CA ARG A 166 -10.23 -5.10 8.19
C ARG A 166 -8.98 -5.21 7.34
N TYR A 167 -8.76 -4.22 6.47
CA TYR A 167 -7.59 -4.24 5.60
C TYR A 167 -6.32 -3.99 6.40
N ILE A 168 -5.25 -4.70 6.04
CA ILE A 168 -3.95 -4.52 6.66
C ILE A 168 -2.96 -4.08 5.59
N ASP A 169 -2.54 -5.01 4.75
CA ASP A 169 -1.57 -4.72 3.70
C ASP A 169 -1.82 -5.68 2.54
N SER A 170 -1.31 -5.28 1.37
CA SER A 170 -1.38 -6.09 0.16
C SER A 170 0.04 -6.37 -0.33
N LYS A 171 0.15 -7.31 -1.27
CA LYS A 171 1.43 -7.67 -1.84
C LYS A 171 1.21 -8.28 -3.21
N VAL A 172 2.15 -8.02 -4.10
CA VAL A 172 2.15 -8.57 -5.46
C VAL A 172 3.15 -9.72 -5.47
N VAL A 173 2.66 -10.94 -5.68
CA VAL A 173 3.48 -12.13 -5.63
C VAL A 173 3.58 -12.74 -7.03
N LYS A 174 4.62 -13.54 -7.22
CA LYS A 174 4.86 -14.26 -8.47
C LYS A 174 4.52 -15.73 -8.21
N THR A 175 3.38 -16.18 -8.76
CA THR A 175 2.88 -17.50 -8.39
C THR A 175 3.82 -18.61 -8.84
N ARG A 176 4.58 -18.39 -9.91
CA ARG A 176 5.44 -19.42 -10.48
C ARG A 176 6.91 -19.24 -10.12
N ALA A 177 7.25 -18.25 -9.30
CA ALA A 177 8.64 -17.97 -8.97
C ALA A 177 9.13 -18.87 -7.84
N GLU A 178 10.44 -18.84 -7.62
CA GLU A 178 11.04 -19.60 -6.52
C GLU A 178 10.43 -19.19 -5.18
N GLY A 179 10.36 -20.15 -4.27
CA GLY A 179 9.73 -19.90 -2.98
C GLY A 179 10.36 -18.73 -2.26
N GLU A 180 9.56 -18.05 -1.45
CA GLU A 180 10.01 -16.86 -0.75
C GLU A 180 9.16 -16.66 0.50
N TRP A 181 9.71 -15.88 1.43
CA TRP A 181 9.01 -15.51 2.65
C TRP A 181 8.33 -14.16 2.46
N LEU A 182 7.11 -14.03 2.99
CA LEU A 182 6.34 -12.80 2.90
C LEU A 182 5.97 -12.36 4.31
N SER A 183 6.21 -11.09 4.61
CA SER A 183 5.98 -10.53 5.94
C SER A 183 5.01 -9.36 5.86
N PHE A 184 4.20 -9.21 6.90
CA PHE A 184 3.25 -8.12 7.02
C PHE A 184 3.32 -7.53 8.41
N ASP A 185 3.19 -6.21 8.52
CA ASP A 185 3.15 -5.54 9.81
C ASP A 185 1.73 -5.65 10.35
N VAL A 186 1.53 -6.59 11.29
CA VAL A 186 0.21 -6.85 11.85
C VAL A 186 0.20 -6.47 13.32
N THR A 187 0.85 -5.34 13.65
CA THR A 187 0.98 -4.94 15.04
C THR A 187 -0.39 -4.63 15.65
N ASP A 188 -1.19 -3.81 14.96
CA ASP A 188 -2.47 -3.39 15.53
C ASP A 188 -3.41 -4.58 15.71
N ALA A 189 -3.33 -5.58 14.84
CA ALA A 189 -4.21 -6.74 14.96
C ALA A 189 -3.84 -7.59 16.17
N VAL A 190 -2.54 -7.89 16.34
CA VAL A 190 -2.11 -8.63 17.52
C VAL A 190 -2.43 -7.85 18.78
N HIS A 191 -2.38 -6.51 18.70
CA HIS A 191 -2.71 -5.68 19.84
C HIS A 191 -4.14 -5.95 20.29
N GLU A 192 -5.09 -5.97 19.34
CA GLU A 192 -6.47 -6.27 19.66
C GLU A 192 -6.62 -7.72 20.12
N TRP A 193 -5.91 -8.65 19.46
CA TRP A 193 -6.00 -10.05 19.84
C TRP A 193 -5.50 -10.30 21.25
N LEU A 194 -4.48 -9.56 21.68
CA LEU A 194 -3.95 -9.72 23.03
C LEU A 194 -4.85 -9.10 24.09
N HIS A 195 -5.72 -8.17 23.70
CA HIS A 195 -6.62 -7.50 24.64
C HIS A 195 -7.99 -8.14 24.70
N HIS A 196 -8.60 -8.38 23.55
CA HIS A 196 -9.92 -9.00 23.45
C HIS A 196 -9.74 -10.35 22.78
N LYS A 197 -9.60 -11.39 23.61
CA LYS A 197 -9.41 -12.73 23.08
C LYS A 197 -10.57 -13.14 22.18
N ASP A 198 -11.77 -12.62 22.44
CA ASP A 198 -12.94 -12.95 21.62
C ASP A 198 -12.93 -12.28 20.26
N ARG A 199 -11.85 -11.59 19.90
CA ARG A 199 -11.69 -11.02 18.58
C ARG A 199 -10.56 -11.68 17.79
N ASN A 200 -9.85 -12.63 18.40
CA ASN A 200 -8.79 -13.37 17.70
C ASN A 200 -9.45 -14.34 16.73
N LEU A 201 -9.93 -13.79 15.62
CA LEU A 201 -10.56 -14.56 14.57
C LEU A 201 -9.61 -14.88 13.42
N GLY A 202 -8.36 -14.43 13.50
CA GLY A 202 -7.33 -14.84 12.57
C GLY A 202 -7.15 -13.86 11.42
N PHE A 203 -6.37 -14.33 10.44
CA PHE A 203 -6.05 -13.57 9.24
C PHE A 203 -6.76 -14.20 8.04
N LYS A 204 -6.82 -13.43 6.95
CA LYS A 204 -7.30 -13.93 5.67
C LYS A 204 -6.39 -13.41 4.57
N ILE A 205 -5.88 -14.30 3.75
CA ILE A 205 -5.05 -13.93 2.61
C ILE A 205 -5.96 -14.01 1.38
N SER A 206 -6.59 -12.88 1.07
CA SER A 206 -7.56 -12.80 -0.01
C SER A 206 -6.94 -12.22 -1.26
N LEU A 207 -7.47 -12.64 -2.41
CA LEU A 207 -7.07 -12.03 -3.67
C LEU A 207 -7.60 -10.61 -3.75
N HIS A 208 -6.81 -9.71 -4.33
CA HIS A 208 -7.19 -8.30 -4.32
C HIS A 208 -8.48 -8.08 -5.10
N CYS A 209 -8.48 -8.42 -6.39
CA CYS A 209 -9.61 -8.29 -7.32
C CYS A 209 -10.34 -6.95 -7.19
N PRO A 210 -10.57 -6.24 -8.31
CA PRO A 210 -11.18 -4.89 -8.23
C PRO A 210 -12.32 -4.77 -7.24
N CYS A 211 -13.48 -5.35 -7.52
CA CYS A 211 -14.61 -5.22 -6.62
C CYS A 211 -15.47 -6.47 -6.67
N CYS A 212 -16.24 -6.67 -5.61
CA CYS A 212 -17.20 -7.77 -5.50
C CYS A 212 -18.01 -7.94 -6.77
N GLU A 227 -11.69 -15.66 -10.95
CA GLU A 227 -10.26 -15.96 -10.83
C GLU A 227 -9.93 -16.50 -9.45
N GLU A 228 -9.20 -17.61 -9.41
CA GLU A 228 -8.87 -18.28 -8.18
C GLU A 228 -7.50 -17.85 -7.67
N LEU A 229 -7.29 -18.03 -6.37
CA LEU A 229 -6.02 -17.71 -5.73
C LEU A 229 -4.98 -18.72 -6.17
N GLU A 230 -4.11 -18.32 -7.09
CA GLU A 230 -3.08 -19.19 -7.64
C GLU A 230 -1.81 -19.21 -6.80
N ALA A 231 -1.81 -18.56 -5.65
CA ALA A 231 -0.65 -18.56 -4.76
C ALA A 231 -0.79 -19.66 -3.72
N ARG A 232 0.24 -20.50 -3.61
CA ARG A 232 0.28 -21.60 -2.66
C ARG A 232 1.21 -21.23 -1.51
N PHE A 233 0.82 -21.58 -0.30
CA PHE A 233 1.57 -21.23 0.90
C PHE A 233 1.89 -22.48 1.71
N ALA A 234 3.12 -22.54 2.22
CA ALA A 234 3.52 -23.66 3.05
C ALA A 234 2.75 -23.66 4.37
N GLY A 235 2.32 -24.83 4.80
CA GLY A 235 1.55 -24.96 6.02
C GLY A 235 0.07 -24.68 5.87
N ILE A 236 -0.34 -24.04 4.78
CA ILE A 236 -1.74 -23.71 4.55
C ILE A 236 -2.31 -24.48 3.37
N ASP A 237 -1.49 -24.68 2.32
CA ASP A 237 -1.93 -25.41 1.13
C ASP A 237 -1.18 -26.73 1.00
N GLY A 238 -1.34 -27.61 1.99
CA GLY A 238 -0.69 -28.91 1.97
C GLY A 238 -1.11 -29.79 3.12
N GLY A 259 9.76 -26.67 8.17
CA GLY A 259 10.44 -25.48 8.66
C GLY A 259 9.92 -24.20 8.03
N LYS A 260 8.82 -24.30 7.29
CA LYS A 260 8.20 -23.17 6.61
C LYS A 260 6.82 -22.88 7.17
N THR A 261 6.66 -23.07 8.47
CA THR A 261 5.36 -22.89 9.10
C THR A 261 5.00 -21.40 9.17
N PRO A 262 3.74 -21.04 8.91
CA PRO A 262 3.31 -19.67 9.18
C PRO A 262 3.49 -19.36 10.67
N HIS A 263 3.94 -18.14 10.96
CA HIS A 263 4.26 -17.80 12.34
C HIS A 263 4.25 -16.29 12.52
N LEU A 264 4.03 -15.88 13.76
CA LEU A 264 4.13 -14.48 14.17
C LEU A 264 5.51 -14.23 14.77
N LEU A 265 6.01 -13.01 14.58
CA LEU A 265 7.26 -12.56 15.18
C LEU A 265 6.96 -11.33 16.03
N LEU A 266 6.77 -11.54 17.32
CA LEU A 266 6.51 -10.45 18.26
C LEU A 266 7.82 -9.90 18.80
N MET A 267 7.92 -8.58 18.85
CA MET A 267 9.13 -7.90 19.28
C MET A 267 8.76 -6.91 20.39
N LEU A 268 9.28 -7.17 21.58
CA LEU A 268 8.95 -6.38 22.77
C LEU A 268 10.16 -5.58 23.25
N LEU A 269 9.88 -4.58 24.06
CA LEU A 269 10.91 -3.79 24.74
C LEU A 269 10.76 -3.99 26.24
N PRO A 270 11.69 -4.68 26.90
CA PRO A 270 11.50 -4.98 28.34
C PRO A 270 11.33 -3.72 29.17
N SER A 271 10.57 -3.86 30.26
CA SER A 271 10.30 -2.71 31.13
C SER A 271 11.57 -2.19 31.78
N TYR A 272 12.46 -3.09 32.21
CA TYR A 272 13.71 -2.66 32.82
C TYR A 272 14.62 -1.94 31.83
N ARG A 273 14.35 -2.05 30.52
CA ARG A 273 15.04 -1.29 29.51
C ARG A 273 14.35 0.04 29.20
N LEU A 274 13.37 0.42 30.01
CA LEU A 274 12.68 1.69 29.86
C LEU A 274 13.01 2.64 31.01
N GLU A 275 14.24 2.53 31.53
CA GLU A 275 14.66 3.39 32.63
C GLU A 275 15.07 4.78 32.12
N SER A 276 15.94 4.82 31.12
CA SER A 276 16.38 6.09 30.55
C SER A 276 15.22 6.77 29.82
N LEU A 283 16.90 16.07 16.30
CA LEU A 283 17.25 17.24 17.11
C LEU A 283 16.70 18.51 16.46
N ASP A 284 15.39 18.52 16.25
CA ASP A 284 14.69 19.67 15.71
C ASP A 284 14.75 20.86 16.68
N ALA A 285 14.32 22.01 16.18
CA ALA A 285 14.31 23.23 16.97
C ALA A 285 13.06 23.30 17.84
N TYR A 287 13.68 21.57 20.38
CA TYR A 287 14.45 21.95 21.57
C TYR A 287 15.46 23.03 21.20
N CYS A 288 16.35 22.69 20.27
CA CYS A 288 17.37 23.62 19.78
C CYS A 288 16.82 25.01 19.53
N ASN A 291 15.28 26.11 24.11
CA ASN A 291 16.48 26.15 24.92
C ASN A 291 17.68 26.60 24.10
N VAL A 292 18.88 26.37 24.63
CA VAL A 292 20.13 26.72 23.96
C VAL A 292 21.16 25.67 24.30
N GLN A 293 22.12 25.48 23.41
CA GLN A 293 23.16 24.48 23.64
C GLN A 293 24.39 24.84 22.83
N ASP A 294 25.48 24.11 23.10
CA ASP A 294 26.72 24.22 22.34
C ASP A 294 27.25 22.85 21.95
N ASN A 295 26.42 21.82 22.03
CA ASN A 295 26.73 20.49 21.53
C ASN A 295 25.94 20.30 20.23
N CYS A 296 26.11 19.15 19.59
CA CYS A 296 25.46 18.93 18.30
C CYS A 296 23.99 19.30 18.37
N CYS A 297 23.59 20.23 17.50
CA CYS A 297 22.30 20.88 17.63
C CYS A 297 22.07 21.78 16.43
N LEU A 298 20.82 21.84 15.97
CA LEU A 298 20.49 22.64 14.80
C LEU A 298 20.62 24.13 15.09
N ARG A 299 21.06 24.88 14.08
CA ARG A 299 21.31 26.31 14.20
C ARG A 299 20.52 27.03 13.12
N PRO A 300 19.82 28.12 13.43
CA PRO A 300 18.98 28.76 12.42
C PRO A 300 19.81 29.54 11.40
N LEU A 301 19.42 29.40 10.13
CA LEU A 301 19.97 30.21 9.05
C LEU A 301 18.88 30.39 8.01
N TYR A 302 18.44 31.63 7.84
CA TYR A 302 17.45 32.01 6.83
C TYR A 302 18.15 32.81 5.75
N ILE A 303 18.00 32.37 4.50
CA ILE A 303 18.66 33.00 3.37
C ILE A 303 17.63 33.88 2.66
N ASP A 304 17.78 35.19 2.80
CA ASP A 304 17.04 36.15 1.98
C ASP A 304 17.84 36.35 0.70
N PHE A 305 17.25 35.95 -0.43
CA PHE A 305 18.02 35.87 -1.68
C PHE A 305 18.63 37.22 -2.03
N LYS A 306 17.87 38.30 -1.93
CA LYS A 306 18.39 39.61 -2.28
C LYS A 306 19.42 40.09 -1.25
N ARG A 307 19.13 39.90 0.04
CA ARG A 307 20.00 40.45 1.09
C ARG A 307 21.31 39.67 1.17
N ASP A 308 21.23 38.36 1.41
CA ASP A 308 22.41 37.58 1.73
C ASP A 308 23.12 37.01 0.52
N LEU A 309 22.55 37.14 -0.68
CA LEU A 309 23.18 36.64 -1.90
C LEU A 309 23.23 37.67 -3.02
N GLY A 310 22.53 38.79 -2.90
CA GLY A 310 22.51 39.75 -4.00
C GLY A 310 21.83 39.25 -5.25
N TRP A 311 20.97 38.25 -5.13
CA TRP A 311 20.31 37.61 -6.27
C TRP A 311 18.89 38.15 -6.40
N LYS A 312 18.58 38.72 -7.57
CA LYS A 312 17.25 39.23 -7.86
C LYS A 312 16.56 38.46 -8.99
N TRP A 313 16.98 37.24 -9.27
CA TRP A 313 16.41 36.44 -10.34
C TRP A 313 15.46 35.35 -9.84
N ILE A 314 15.49 35.02 -8.56
CA ILE A 314 14.56 34.06 -7.99
C ILE A 314 13.35 34.83 -7.48
N HIS A 315 12.20 34.64 -8.14
CA HIS A 315 11.00 35.38 -7.80
C HIS A 315 10.29 34.79 -6.59
N GLU A 316 10.35 33.47 -6.42
CA GLU A 316 9.72 32.81 -5.28
C GLU A 316 10.45 31.50 -5.03
N PRO A 317 10.78 31.17 -3.77
CA PRO A 317 10.50 31.88 -2.51
C PRO A 317 11.40 33.08 -2.29
N LYS A 318 10.91 34.11 -1.61
CA LYS A 318 11.75 35.26 -1.28
C LYS A 318 12.86 34.87 -0.31
N GLY A 319 12.68 33.79 0.44
CA GLY A 319 13.70 33.31 1.35
C GLY A 319 13.27 32.02 2.03
N TYR A 320 14.23 31.20 2.43
CA TYR A 320 13.94 29.92 3.07
C TYR A 320 14.90 29.68 4.22
N ASN A 321 14.42 28.97 5.24
CA ASN A 321 15.24 28.57 6.38
C ASN A 321 16.13 27.41 5.93
N ALA A 322 17.40 27.72 5.65
CA ALA A 322 18.33 26.68 5.25
C ALA A 322 18.85 25.91 6.46
N ASN A 323 19.17 26.63 7.53
CA ASN A 323 19.62 26.02 8.78
C ASN A 323 20.93 25.27 8.58
N PHE A 324 21.58 24.91 9.68
CA PHE A 324 22.82 24.15 9.63
C PHE A 324 23.08 23.55 11.00
N CYS A 325 23.78 22.42 11.01
CA CYS A 325 24.07 21.67 12.22
C CYS A 325 25.47 21.99 12.73
N ALA A 326 25.59 22.14 14.05
CA ALA A 326 26.88 22.48 14.66
C ALA A 326 26.91 21.98 16.10
N GLY A 327 28.12 21.82 16.60
CA GLY A 327 28.36 21.32 17.94
C GLY A 327 29.39 20.21 17.94
N ALA A 328 29.74 19.79 19.15
CA ALA A 328 30.70 18.73 19.37
C ALA A 328 29.99 17.51 19.96
N CYS A 329 30.34 16.33 19.47
CA CYS A 329 29.66 15.14 19.97
C CYS A 329 30.57 14.38 20.94
N PRO A 330 30.05 13.92 22.08
CA PRO A 330 30.91 13.23 23.03
C PRO A 330 31.35 11.85 22.54
N TYR A 331 32.45 11.39 23.13
CA TYR A 331 32.97 10.04 22.91
C TYR A 331 33.08 9.33 24.25
N LEU A 332 33.14 7.99 24.20
CA LEU A 332 33.31 7.20 25.41
C LEU A 332 34.47 6.22 25.24
N ASN A 350 26.00 8.30 21.80
CA ASN A 350 26.52 8.09 20.46
C ASN A 350 25.87 6.86 19.84
N PRO A 351 24.66 7.04 19.29
CA PRO A 351 23.93 5.88 18.72
C PRO A 351 24.70 5.11 17.67
N GLU A 352 25.78 5.68 17.14
CA GLU A 352 26.51 5.05 16.05
C GLU A 352 28.00 4.97 16.35
N ALA A 355 35.70 4.42 16.40
CA ALA A 355 35.29 5.46 15.46
C ALA A 355 34.97 6.75 16.20
N SER A 356 35.32 7.90 15.59
CA SER A 356 35.07 9.19 16.22
C SER A 356 33.82 9.84 15.66
N PRO A 357 33.07 10.59 16.47
CA PRO A 357 31.80 11.16 15.99
C PRO A 357 31.97 12.59 15.48
N CYS A 358 31.06 12.97 14.56
CA CYS A 358 31.04 14.33 14.02
C CYS A 358 29.58 14.76 13.89
N CYS A 359 29.32 16.03 14.17
CA CYS A 359 27.97 16.57 14.15
C CYS A 359 27.61 16.95 12.71
N VAL A 360 26.79 16.12 12.08
CA VAL A 360 26.40 16.32 10.68
C VAL A 360 24.89 16.42 10.60
N SER A 361 24.37 16.64 9.39
CA SER A 361 22.94 16.71 9.17
C SER A 361 22.37 15.32 8.95
N GLN A 362 21.15 15.11 9.45
CA GLN A 362 20.47 13.83 9.27
C GLN A 362 19.40 13.94 8.17
N ASP A 363 18.31 14.64 8.47
CA ASP A 363 17.18 14.74 7.54
C ASP A 363 17.24 16.07 6.81
N LEU A 364 17.10 16.00 5.49
CA LEU A 364 17.05 17.17 4.63
C LEU A 364 15.78 17.12 3.79
N GLU A 365 15.22 18.29 3.49
CA GLU A 365 14.00 18.37 2.71
C GLU A 365 14.23 19.23 1.47
N PRO A 366 13.67 18.86 0.32
CA PRO A 366 13.92 19.62 -0.91
C PRO A 366 13.34 21.02 -0.83
N LEU A 367 13.68 21.82 -1.84
CA LEU A 367 13.24 23.21 -1.92
C LEU A 367 12.82 23.50 -3.35
N THR A 368 11.68 24.17 -3.50
CA THR A 368 11.18 24.59 -4.80
C THR A 368 11.45 26.07 -5.00
N ILE A 369 11.93 26.43 -6.20
CA ILE A 369 12.19 27.81 -6.56
C ILE A 369 11.53 28.11 -7.89
N LEU A 370 11.14 29.37 -8.07
CA LEU A 370 10.62 29.87 -9.34
C LEU A 370 11.56 30.99 -9.80
N TYR A 371 12.25 30.74 -10.91
CA TYR A 371 13.13 31.76 -11.48
C TYR A 371 12.82 31.94 -12.96
N TYR A 372 13.65 32.69 -13.67
CA TYR A 372 13.37 33.04 -15.05
C TYR A 372 14.67 33.21 -15.82
N ILE A 373 14.67 32.73 -17.06
CA ILE A 373 15.71 33.07 -18.04
C ILE A 373 15.00 33.52 -19.31
N GLY A 374 15.33 34.72 -19.78
CA GLY A 374 14.60 35.29 -20.90
C GLY A 374 13.14 35.48 -20.54
N LYS A 375 12.25 35.01 -21.40
CA LYS A 375 10.82 34.99 -21.13
C LYS A 375 10.35 33.65 -20.60
N THR A 376 11.23 32.68 -20.48
CA THR A 376 10.83 31.34 -20.06
C THR A 376 10.77 31.25 -18.54
N PRO A 377 9.66 30.79 -17.96
CA PRO A 377 9.65 30.52 -16.51
C PRO A 377 10.13 29.12 -16.21
N LYS A 378 10.83 28.99 -15.09
CA LYS A 378 11.35 27.70 -14.63
C LYS A 378 10.91 27.48 -13.19
N ILE A 379 10.07 26.48 -12.97
CA ILE A 379 9.64 26.08 -11.63
C ILE A 379 10.32 24.75 -11.35
N GLU A 380 11.40 24.80 -10.59
CA GLU A 380 12.30 23.66 -10.44
C GLU A 380 12.39 23.24 -8.98
N GLN A 381 12.91 22.03 -8.79
CA GLN A 381 12.96 21.37 -7.49
C GLN A 381 14.41 21.05 -7.16
N LEU A 382 14.86 21.50 -5.99
CA LEU A 382 16.22 21.27 -5.53
C LEU A 382 16.18 20.39 -4.29
N SER A 383 16.88 19.26 -4.35
CA SER A 383 16.90 18.30 -3.25
C SER A 383 18.02 18.64 -2.28
N ASN A 384 17.81 18.27 -1.02
CA ASN A 384 18.83 18.42 0.02
C ASN A 384 19.26 19.88 0.15
N MET A 385 18.29 20.73 0.53
CA MET A 385 18.52 22.15 0.70
C MET A 385 18.22 22.67 2.09
N ILE A 386 17.39 21.96 2.87
CA ILE A 386 16.96 22.41 4.18
C ILE A 386 17.42 21.40 5.21
N VAL A 387 18.24 21.85 6.16
CA VAL A 387 18.68 21.00 7.27
C VAL A 387 17.64 21.11 8.37
N LYS A 388 16.98 19.98 8.67
CA LYS A 388 15.93 19.95 9.68
C LYS A 388 16.34 19.29 10.99
N SER A 389 17.37 18.44 10.96
CA SER A 389 17.79 17.74 12.17
C SER A 389 19.25 17.37 12.05
N CYS A 390 19.87 17.14 13.21
CA CYS A 390 21.29 16.83 13.31
C CYS A 390 21.48 15.48 14.00
N LYS A 391 22.67 14.92 13.80
CA LYS A 391 23.03 13.65 14.41
C LYS A 391 24.53 13.66 14.69
N CYS A 392 25.00 12.59 15.32
CA CYS A 392 26.41 12.41 15.62
C CYS A 392 26.90 11.12 14.98
N SER A 393 27.99 11.22 14.21
CA SER A 393 28.55 10.06 13.53
C SER A 393 29.97 10.34 13.05
N ASP B 13 28.97 31.27 14.69
CA ASP B 13 30.28 31.79 14.31
C ASP B 13 30.19 32.42 12.92
N GLN B 14 31.35 32.65 12.30
CA GLN B 14 31.43 33.17 10.95
C GLN B 14 31.42 32.05 9.92
N PHE B 15 31.20 30.81 10.35
CA PHE B 15 31.03 29.69 9.43
C PHE B 15 29.66 29.72 8.79
N MET B 16 28.72 30.49 9.36
CA MET B 16 27.49 30.79 8.64
C MET B 16 27.80 31.45 7.32
N ARG B 17 28.80 32.35 7.31
CA ARG B 17 29.23 32.99 6.07
C ARG B 17 29.66 31.96 5.04
N LYS B 18 30.07 30.77 5.48
CA LYS B 18 30.48 29.71 4.57
C LYS B 18 29.27 28.90 4.09
N ARG B 19 28.34 28.63 4.99
CA ARG B 19 27.08 28.01 4.59
C ARG B 19 26.43 28.82 3.46
N ILE B 20 26.40 30.14 3.63
CA ILE B 20 25.83 31.02 2.60
C ILE B 20 26.57 30.83 1.28
N GLU B 21 27.91 30.79 1.32
CA GLU B 21 28.67 30.63 0.10
C GLU B 21 28.56 29.20 -0.44
N ALA B 22 28.48 28.21 0.45
CA ALA B 22 28.27 26.84 0.00
C ALA B 22 26.87 26.67 -0.60
N ILE B 23 25.90 27.42 -0.10
CA ILE B 23 24.55 27.35 -0.66
C ILE B 23 24.51 28.04 -2.03
N ARG B 24 25.23 29.14 -2.16
CA ARG B 24 25.28 29.83 -3.45
C ARG B 24 25.79 28.90 -4.54
N GLY B 25 26.85 28.14 -4.27
CA GLY B 25 27.35 27.18 -5.24
C GLY B 25 26.44 25.99 -5.43
N GLN B 26 25.78 25.54 -4.35
CA GLN B 26 24.91 24.38 -4.46
C GLN B 26 23.71 24.66 -5.36
N ILE B 27 23.20 25.89 -5.33
CA ILE B 27 22.07 26.24 -6.18
C ILE B 27 22.48 26.19 -7.64
N LEU B 28 23.54 26.91 -8.00
CA LEU B 28 23.97 26.97 -9.40
C LEU B 28 24.47 25.62 -9.89
N SER B 29 24.97 24.77 -8.99
CA SER B 29 25.44 23.45 -9.40
C SER B 29 24.27 22.56 -9.80
N LYS B 30 23.21 22.55 -8.99
CA LYS B 30 22.04 21.72 -9.32
C LYS B 30 21.35 22.22 -10.58
N LEU B 31 21.37 23.53 -10.83
CA LEU B 31 20.82 24.10 -12.06
C LEU B 31 21.84 24.12 -13.21
N LYS B 32 23.10 23.81 -12.94
CA LYS B 32 24.17 23.90 -13.93
C LYS B 32 24.17 25.26 -14.63
N LEU B 33 24.14 26.31 -13.82
CA LEU B 33 24.28 27.68 -14.31
C LEU B 33 25.67 28.15 -13.91
N THR B 34 26.53 28.37 -14.91
CA THR B 34 27.87 28.88 -14.62
C THR B 34 27.81 30.27 -14.00
N SER B 35 26.69 30.97 -14.16
CA SER B 35 26.50 32.28 -13.56
C SER B 35 25.01 32.55 -13.45
N PRO B 36 24.59 33.41 -12.54
CA PRO B 36 23.16 33.69 -12.38
C PRO B 36 22.60 34.43 -13.59
N PRO B 37 21.28 34.33 -13.84
CA PRO B 37 20.67 35.05 -14.96
C PRO B 37 20.90 36.55 -14.89
N TYR B 40 16.30 38.55 -17.24
CA TYR B 40 15.52 38.70 -16.02
C TYR B 40 14.25 39.52 -16.26
N PRO B 41 13.08 38.95 -15.95
CA PRO B 41 11.83 39.70 -16.10
C PRO B 41 11.59 40.68 -14.97
N GLU B 42 10.41 41.29 -14.95
CA GLU B 42 10.07 42.20 -13.86
C GLU B 42 9.22 41.46 -12.84
N PRO B 43 9.52 41.52 -11.54
CA PRO B 43 8.69 40.83 -10.56
C PRO B 43 7.37 41.51 -10.27
N GLU B 44 7.15 42.70 -10.84
CA GLU B 44 5.91 43.44 -10.57
C GLU B 44 4.69 42.74 -11.15
N GLU B 45 4.87 41.99 -12.24
CA GLU B 45 3.75 41.27 -12.86
C GLU B 45 4.28 39.95 -13.42
N VAL B 46 4.14 38.89 -12.64
CA VAL B 46 4.42 37.53 -13.08
C VAL B 46 3.07 36.80 -13.21
N PRO B 47 2.77 36.20 -14.36
CA PRO B 47 1.43 35.65 -14.58
C PRO B 47 1.01 34.73 -13.45
N PRO B 48 -0.27 34.75 -13.07
CA PRO B 48 -0.72 33.83 -12.00
C PRO B 48 -0.58 32.37 -12.37
N GLU B 49 -0.66 32.04 -13.67
CA GLU B 49 -0.49 30.66 -14.09
C GLU B 49 0.90 30.14 -13.79
N VAL B 50 1.91 31.03 -13.83
CA VAL B 50 3.26 30.62 -13.46
C VAL B 50 3.34 30.41 -11.95
N ILE B 51 2.72 31.29 -11.16
CA ILE B 51 2.73 31.14 -9.72
C ILE B 51 1.99 29.89 -9.27
N SER B 52 1.04 29.40 -10.09
CA SER B 52 0.32 28.19 -9.71
C SER B 52 1.22 26.95 -9.82
N ILE B 53 2.12 26.93 -10.79
CA ILE B 53 3.06 25.81 -10.88
C ILE B 53 3.98 25.80 -9.67
N TYR B 54 4.44 26.98 -9.24
CA TYR B 54 5.22 27.07 -8.02
C TYR B 54 4.37 26.74 -6.80
N ASN B 55 3.10 27.14 -6.84
CA ASN B 55 2.23 26.94 -5.69
C ASN B 55 1.93 25.46 -5.46
N SER B 56 1.87 24.68 -6.54
CA SER B 56 1.54 23.26 -6.41
C SER B 56 2.76 22.40 -6.08
N THR B 57 3.92 22.73 -6.64
CA THR B 57 5.13 21.99 -6.31
C THR B 57 5.51 22.23 -4.84
N ARG B 58 5.41 23.47 -4.39
CA ARG B 58 5.65 23.77 -2.98
C ARG B 58 4.71 22.97 -2.09
N ASP B 59 3.39 23.10 -2.32
CA ASP B 59 2.42 22.42 -1.46
C ASP B 59 2.61 20.91 -1.51
N LEU B 60 3.05 20.37 -2.64
CA LEU B 60 3.31 18.93 -2.70
C LEU B 60 4.42 18.54 -1.73
N LEU B 61 5.57 19.20 -1.84
CA LEU B 61 6.68 18.89 -0.95
C LEU B 61 6.30 19.15 0.51
N GLN B 62 5.48 20.17 0.75
CA GLN B 62 5.00 20.41 2.11
C GLN B 62 4.25 19.19 2.63
N GLU B 63 3.53 18.49 1.75
CA GLU B 63 2.81 17.31 2.18
C GLU B 63 3.76 16.17 2.52
N LYS B 64 4.74 15.90 1.63
CA LYS B 64 5.70 14.86 1.92
C LYS B 64 6.51 15.17 3.17
N ALA B 65 6.73 16.45 3.46
CA ALA B 65 7.42 16.83 4.70
C ALA B 65 6.63 16.36 5.91
N SER B 66 5.33 16.65 5.93
CA SER B 66 4.45 16.20 7.01
C SER B 66 4.33 14.68 6.96
N ARG B 67 4.83 14.01 7.98
CA ARG B 67 4.72 12.55 8.05
C ARG B 67 4.60 12.08 9.50
N GLU B 79 22.02 11.47 -10.08
CA GLU B 79 20.83 11.81 -10.86
C GLU B 79 19.81 12.51 -9.99
N GLU B 80 20.00 12.44 -8.67
CA GLU B 80 19.14 13.12 -7.71
C GLU B 80 19.67 14.51 -7.35
N TYR B 81 20.92 14.79 -7.66
CA TYR B 81 21.52 16.07 -7.30
C TYR B 81 20.93 17.21 -8.12
N TYR B 82 20.90 17.06 -9.43
CA TYR B 82 20.53 18.18 -10.29
C TYR B 82 19.05 18.50 -10.19
N ALA B 83 18.72 19.78 -10.31
CA ALA B 83 17.34 20.22 -10.18
C ALA B 83 16.48 19.61 -11.28
N LYS B 84 15.17 19.62 -11.05
CA LYS B 84 14.21 19.01 -11.96
C LYS B 84 13.14 20.04 -12.32
N GLU B 85 12.87 20.18 -13.61
CA GLU B 85 11.81 21.08 -14.07
C GLU B 85 10.46 20.45 -13.84
N VAL B 86 9.53 21.22 -13.29
CA VAL B 86 8.18 20.75 -12.98
C VAL B 86 7.21 21.35 -14.00
N TYR B 87 6.46 20.50 -14.68
CA TYR B 87 5.41 20.91 -15.60
C TYR B 87 4.05 20.54 -15.01
N LYS B 88 3.08 21.43 -15.19
CA LYS B 88 1.74 21.28 -14.62
C LYS B 88 0.73 21.13 -15.75
N ILE B 89 0.04 19.99 -15.80
CA ILE B 89 -0.96 19.70 -16.83
C ILE B 89 -2.31 19.62 -16.15
N ASP B 90 -3.15 20.63 -16.37
CA ASP B 90 -4.47 20.66 -15.75
C ASP B 90 -5.42 19.68 -16.43
N MET B 91 -6.64 19.63 -15.91
CA MET B 91 -7.70 18.84 -16.53
C MET B 91 -8.22 19.57 -17.78
N PRO B 92 -8.47 18.86 -18.87
CA PRO B 92 -8.94 19.51 -20.09
C PRO B 92 -10.22 20.29 -19.82
N PRO B 93 -10.29 21.55 -20.28
CA PRO B 93 -11.55 22.31 -20.10
C PRO B 93 -12.62 21.83 -21.06
N PHE B 94 -13.82 21.61 -20.54
CA PHE B 94 -14.92 21.08 -21.32
C PHE B 94 -15.87 22.20 -21.72
N PHE B 95 -16.14 22.30 -23.01
CA PHE B 95 -17.10 23.26 -23.55
C PHE B 95 -18.25 22.49 -24.18
N PRO B 96 -19.43 22.44 -23.56
CA PRO B 96 -20.48 21.53 -24.05
C PRO B 96 -20.95 21.83 -25.46
N SER B 97 -20.62 22.99 -26.02
CA SER B 97 -21.03 23.33 -27.38
C SER B 97 -20.18 22.65 -28.45
N GLU B 98 -19.07 22.04 -28.07
CA GLU B 98 -18.18 21.39 -29.02
C GLU B 98 -18.45 19.89 -29.05
N ASN B 99 -17.78 19.19 -29.96
CA ASN B 99 -17.94 17.75 -30.11
C ASN B 99 -16.79 17.01 -29.42
N ALA B 100 -16.67 17.25 -28.12
CA ALA B 100 -15.61 16.69 -27.30
C ALA B 100 -16.23 15.84 -26.20
N ILE B 101 -15.60 14.71 -25.91
CA ILE B 101 -16.06 13.84 -24.82
C ILE B 101 -15.60 14.45 -23.49
N PRO B 102 -16.50 14.59 -22.51
CA PRO B 102 -16.12 15.28 -21.27
C PRO B 102 -14.93 14.61 -20.61
N PRO B 103 -14.17 15.35 -19.79
CA PRO B 103 -13.03 14.73 -19.09
C PRO B 103 -13.41 13.92 -17.87
N THR B 104 -14.63 14.07 -17.37
CA THR B 104 -15.06 13.38 -16.15
C THR B 104 -16.33 12.57 -16.42
N PHE B 105 -16.42 11.42 -15.75
CA PHE B 105 -17.59 10.55 -15.81
C PHE B 105 -17.90 10.07 -14.39
N TYR B 106 -19.19 10.07 -14.04
CA TYR B 106 -19.61 9.82 -12.67
C TYR B 106 -20.12 8.40 -12.50
N ARG B 107 -20.06 7.93 -11.25
CA ARG B 107 -20.64 6.67 -10.82
C ARG B 107 -20.64 6.62 -9.30
N PRO B 108 -21.69 6.10 -8.66
CA PRO B 108 -21.76 6.16 -7.18
C PRO B 108 -20.56 5.54 -6.48
N TYR B 109 -19.78 4.72 -7.19
CA TYR B 109 -18.66 4.01 -6.58
C TYR B 109 -17.30 4.40 -7.14
N PHE B 110 -17.24 5.13 -8.25
CA PHE B 110 -15.95 5.54 -8.79
C PHE B 110 -16.14 6.77 -9.65
N ARG B 111 -15.02 7.46 -9.89
CA ARG B 111 -14.96 8.59 -10.80
C ARG B 111 -13.88 8.34 -11.84
N ILE B 112 -14.11 8.85 -13.04
CA ILE B 112 -13.18 8.71 -14.16
C ILE B 112 -12.73 10.10 -14.57
N VAL B 113 -11.41 10.30 -14.63
CA VAL B 113 -10.83 11.55 -15.09
C VAL B 113 -9.81 11.22 -16.16
N ARG B 114 -9.73 12.07 -17.19
CA ARG B 114 -8.77 11.90 -18.27
C ARG B 114 -8.01 13.20 -18.50
N PHE B 115 -6.71 13.07 -18.75
CA PHE B 115 -5.85 14.20 -19.05
C PHE B 115 -5.35 14.09 -20.48
N ASP B 116 -5.06 15.24 -21.08
CA ASP B 116 -4.46 15.30 -22.41
C ASP B 116 -2.99 15.67 -22.23
N VAL B 117 -2.11 14.68 -22.37
CA VAL B 117 -0.69 14.84 -22.11
C VAL B 117 0.10 14.80 -23.42
N SER B 118 -0.54 15.05 -24.56
CA SER B 118 0.13 14.95 -25.84
C SER B 118 1.23 16.00 -26.00
N ALA B 119 1.15 17.12 -25.28
CA ALA B 119 2.14 18.17 -25.42
C ALA B 119 3.51 17.72 -24.91
N MET B 120 3.54 16.78 -23.96
CA MET B 120 4.79 16.31 -23.38
C MET B 120 5.32 15.06 -24.06
N GLU B 121 4.70 14.61 -25.14
CA GLU B 121 5.21 13.43 -25.84
C GLU B 121 6.61 13.67 -26.39
N LYS B 122 6.91 14.90 -26.79
CA LYS B 122 8.26 15.21 -27.28
C LYS B 122 9.29 15.12 -26.17
N ARG B 123 8.88 15.34 -24.92
CA ARG B 123 9.80 15.35 -23.79
C ARG B 123 9.72 14.06 -22.97
N ALA B 124 9.09 13.02 -23.50
CA ALA B 124 8.93 11.79 -22.73
C ALA B 124 10.28 11.18 -22.36
N SER B 125 11.29 11.38 -23.20
CA SER B 125 12.61 10.82 -22.95
C SER B 125 13.32 11.44 -21.75
N ASN B 126 12.73 12.45 -21.12
CA ASN B 126 13.35 13.12 -19.98
C ASN B 126 12.49 13.09 -18.72
N LEU B 127 11.34 12.40 -18.76
CA LEU B 127 10.47 12.35 -17.60
C LEU B 127 11.08 11.47 -16.52
N VAL B 128 11.01 11.93 -15.28
CA VAL B 128 11.56 11.22 -14.12
C VAL B 128 10.47 10.76 -13.18
N LYS B 129 9.52 11.63 -12.87
CA LYS B 129 8.45 11.31 -11.93
C LYS B 129 7.23 12.16 -12.24
N ALA B 130 6.05 11.58 -12.04
CA ALA B 130 4.79 12.26 -12.28
C ALA B 130 3.81 11.91 -11.17
N GLU B 131 3.03 12.89 -10.74
CA GLU B 131 2.07 12.70 -9.65
C GLU B 131 0.74 13.36 -10.01
N PHE B 132 -0.33 12.58 -9.92
CA PHE B 132 -1.69 13.06 -10.16
C PHE B 132 -2.24 13.63 -8.87
N ARG B 133 -2.47 14.93 -8.83
CA ARG B 133 -2.90 15.65 -7.64
C ARG B 133 -4.37 16.04 -7.79
N VAL B 134 -5.21 15.56 -6.87
CA VAL B 134 -6.63 15.89 -6.82
C VAL B 134 -6.98 16.37 -5.43
N PHE B 135 -7.85 17.38 -5.36
CA PHE B 135 -8.29 17.95 -4.09
C PHE B 135 -9.57 17.27 -3.63
N ARG B 136 -9.56 16.76 -2.40
CA ARG B 136 -10.72 16.10 -1.81
C ARG B 136 -11.50 17.12 -0.99
N LEU B 137 -12.72 17.42 -1.44
CA LEU B 137 -13.55 18.39 -0.77
C LEU B 137 -14.07 17.81 0.56
N GLN B 138 -14.68 18.68 1.36
CA GLN B 138 -15.29 18.27 2.62
C GLN B 138 -16.74 17.91 2.37
N ASN B 139 -17.11 16.69 2.77
CA ASN B 139 -18.49 16.23 2.66
C ASN B 139 -19.11 16.15 4.04
N PRO B 140 -19.64 17.26 4.58
CA PRO B 140 -20.19 17.22 5.94
C PRO B 140 -21.37 16.28 6.08
N LYS B 141 -21.98 15.83 4.99
CA LYS B 141 -23.11 14.94 5.00
C LYS B 141 -22.74 13.56 4.46
N ALA B 142 -21.57 13.06 4.86
CA ALA B 142 -21.13 11.76 4.41
C ALA B 142 -21.73 10.67 5.28
N ARG B 143 -22.08 9.56 4.65
CA ARG B 143 -22.66 8.43 5.37
C ARG B 143 -21.59 7.72 6.20
N VAL B 144 -20.52 7.29 5.55
CA VAL B 144 -19.41 6.61 6.22
C VAL B 144 -18.31 7.62 6.46
N PRO B 145 -17.82 7.79 7.71
CA PRO B 145 -16.83 8.83 7.97
C PRO B 145 -15.42 8.52 7.50
N GLU B 146 -15.13 7.27 7.15
CA GLU B 146 -13.80 6.86 6.74
C GLU B 146 -13.93 5.83 5.63
N GLN B 147 -13.19 6.02 4.54
CA GLN B 147 -13.26 5.14 3.39
C GLN B 147 -11.88 4.97 2.78
N ARG B 148 -11.68 3.83 2.11
CA ARG B 148 -10.45 3.52 1.40
C ARG B 148 -10.72 3.62 -0.10
N ILE B 149 -10.05 4.55 -0.76
CA ILE B 149 -10.20 4.76 -2.20
C ILE B 149 -8.98 4.21 -2.91
N GLU B 150 -9.19 3.74 -4.14
CA GLU B 150 -8.15 3.10 -4.94
C GLU B 150 -8.04 3.82 -6.27
N LEU B 151 -6.80 3.99 -6.74
CA LEU B 151 -6.52 4.63 -8.02
C LEU B 151 -6.12 3.57 -9.03
N TYR B 152 -6.80 3.55 -10.18
CA TYR B 152 -6.54 2.61 -11.25
C TYR B 152 -6.19 3.37 -12.52
N GLN B 153 -5.38 2.76 -13.37
CA GLN B 153 -5.13 3.25 -14.73
C GLN B 153 -6.06 2.48 -15.65
N ILE B 154 -7.03 3.16 -16.24
CA ILE B 154 -7.94 2.51 -17.17
C ILE B 154 -7.17 2.05 -18.39
N LEU B 155 -7.53 0.88 -18.91
CA LEU B 155 -6.81 0.25 -20.00
C LEU B 155 -7.80 -0.14 -21.09
N LYS B 156 -7.32 -0.18 -22.32
CA LYS B 156 -8.13 -0.63 -23.45
C LYS B 156 -7.97 -2.14 -23.56
N SER B 157 -9.04 -2.87 -23.28
CA SER B 157 -9.04 -4.32 -23.35
C SER B 157 -9.62 -4.76 -24.70
N LYS B 158 -9.90 -6.06 -24.81
CA LYS B 158 -10.49 -6.60 -26.03
C LYS B 158 -11.54 -7.64 -25.68
N ASP B 159 -11.12 -8.77 -25.12
CA ASP B 159 -12.04 -9.81 -24.68
C ASP B 159 -11.53 -10.38 -23.34
N LEU B 160 -12.25 -11.37 -22.83
CA LEU B 160 -11.89 -12.02 -21.58
C LEU B 160 -11.22 -13.37 -21.86
N PRO B 163 -7.71 -8.22 -18.59
CA PRO B 163 -8.03 -7.16 -17.62
C PRO B 163 -8.40 -5.85 -18.28
N THR B 164 -9.10 -4.98 -17.55
CA THR B 164 -9.53 -3.69 -18.07
C THR B 164 -8.99 -2.51 -17.27
N GLN B 165 -8.19 -2.75 -16.24
CA GLN B 165 -7.67 -1.67 -15.40
C GLN B 165 -6.52 -2.21 -14.57
N ARG B 166 -5.60 -1.32 -14.20
CA ARG B 166 -4.39 -1.68 -13.47
C ARG B 166 -4.32 -0.88 -12.19
N TYR B 167 -4.03 -1.57 -11.09
CA TYR B 167 -3.92 -0.92 -9.79
C TYR B 167 -2.67 -0.05 -9.73
N ILE B 168 -2.81 1.11 -9.08
CA ILE B 168 -1.68 2.02 -8.88
C ILE B 168 -1.44 2.17 -7.38
N ASP B 169 -2.32 2.90 -6.70
CA ASP B 169 -2.17 3.11 -5.26
C ASP B 169 -3.55 3.30 -4.65
N SER B 170 -3.60 3.08 -3.33
CA SER B 170 -4.80 3.28 -2.54
C SER B 170 -4.52 4.29 -1.43
N LYS B 171 -5.59 4.76 -0.79
CA LYS B 171 -5.47 5.73 0.30
C LYS B 171 -6.71 5.65 1.16
N VAL B 172 -6.53 5.88 2.47
CA VAL B 172 -7.63 5.93 3.41
C VAL B 172 -7.91 7.40 3.72
N VAL B 173 -9.07 7.88 3.28
CA VAL B 173 -9.44 9.28 3.42
C VAL B 173 -10.61 9.42 4.39
N LYS B 174 -10.77 10.63 4.90
CA LYS B 174 -11.87 10.97 5.81
C LYS B 174 -12.87 11.81 5.04
N THR B 175 -14.03 11.23 4.73
CA THR B 175 -14.99 11.88 3.84
C THR B 175 -15.54 13.17 4.45
N ARG B 176 -15.58 13.26 5.78
CA ARG B 176 -16.18 14.40 6.47
C ARG B 176 -15.14 15.39 6.98
N ALA B 177 -13.86 15.19 6.70
CA ALA B 177 -12.83 16.04 7.23
C ALA B 177 -12.67 17.30 6.39
N GLU B 178 -11.91 18.25 6.93
CA GLU B 178 -11.59 19.47 6.21
C GLU B 178 -10.92 19.12 4.89
N GLY B 179 -11.16 19.95 3.87
CA GLY B 179 -10.62 19.65 2.55
C GLY B 179 -9.11 19.50 2.59
N GLU B 180 -8.60 18.67 1.68
CA GLU B 180 -7.17 18.37 1.62
C GLU B 180 -6.82 17.91 0.22
N TRP B 181 -5.53 18.01 -0.10
CA TRP B 181 -5.00 17.54 -1.37
C TRP B 181 -4.46 16.13 -1.21
N LEU B 182 -4.70 15.29 -2.23
CA LEU B 182 -4.26 13.90 -2.26
C LEU B 182 -3.42 13.68 -3.50
N SER B 183 -2.25 13.07 -3.32
CA SER B 183 -1.32 12.84 -4.41
C SER B 183 -1.00 11.36 -4.54
N PHE B 184 -0.79 10.92 -5.78
CA PHE B 184 -0.41 9.55 -6.10
C PHE B 184 0.73 9.56 -7.10
N ASP B 185 1.66 8.62 -6.94
CA ASP B 185 2.76 8.47 -7.88
C ASP B 185 2.26 7.68 -9.09
N VAL B 186 1.99 8.39 -10.18
CA VAL B 186 1.46 7.77 -11.39
C VAL B 186 2.50 7.88 -12.51
N THR B 187 3.76 7.67 -12.16
CA THR B 187 4.84 7.82 -13.14
C THR B 187 4.71 6.80 -14.26
N ASP B 188 4.58 5.51 -13.90
CA ASP B 188 4.54 4.47 -14.91
C ASP B 188 3.30 4.59 -15.81
N ALA B 189 2.18 5.06 -15.26
CA ALA B 189 0.97 5.18 -16.06
C ALA B 189 1.09 6.33 -17.06
N VAL B 190 1.53 7.50 -16.59
CA VAL B 190 1.75 8.63 -17.48
C VAL B 190 2.82 8.30 -18.52
N HIS B 191 3.79 7.46 -18.17
CA HIS B 191 4.86 7.10 -19.09
C HIS B 191 4.29 6.45 -20.35
N GLU B 192 3.38 5.47 -20.20
CA GLU B 192 2.79 4.84 -21.36
C GLU B 192 1.93 5.83 -22.15
N TRP B 193 1.22 6.72 -21.45
CA TRP B 193 0.38 7.69 -22.14
C TRP B 193 1.19 8.58 -23.08
N LEU B 194 2.43 8.89 -22.70
CA LEU B 194 3.27 9.70 -23.56
C LEU B 194 3.81 8.91 -24.75
N HIS B 195 3.81 7.58 -24.67
CA HIS B 195 4.31 6.73 -25.74
C HIS B 195 3.19 6.26 -26.65
N HIS B 196 2.11 5.73 -26.08
CA HIS B 196 0.95 5.25 -26.82
C HIS B 196 -0.23 6.14 -26.47
N LYS B 197 -0.46 7.16 -27.30
CA LYS B 197 -1.58 8.08 -27.06
C LYS B 197 -2.90 7.34 -26.99
N ASP B 198 -3.02 6.21 -27.69
CA ASP B 198 -4.25 5.42 -27.69
C ASP B 198 -4.46 4.63 -26.40
N ARG B 199 -3.63 4.83 -25.38
CA ARG B 199 -3.83 4.21 -24.08
C ARG B 199 -4.16 5.23 -22.99
N ASN B 200 -4.15 6.52 -23.31
CA ASN B 200 -4.49 7.58 -22.35
C ASN B 200 -6.00 7.57 -22.14
N LEU B 201 -6.47 6.60 -21.36
CA LEU B 201 -7.89 6.48 -21.02
C LEU B 201 -8.22 7.04 -19.65
N GLY B 202 -7.23 7.56 -18.94
CA GLY B 202 -7.47 8.28 -17.69
C GLY B 202 -7.31 7.42 -16.46
N PHE B 203 -7.73 8.00 -15.34
CA PHE B 203 -7.67 7.36 -14.03
C PHE B 203 -9.06 6.98 -13.55
N LYS B 204 -9.10 6.14 -12.53
CA LYS B 204 -10.34 5.80 -11.84
C LYS B 204 -10.10 5.79 -10.34
N ILE B 205 -10.90 6.55 -9.60
CA ILE B 205 -10.84 6.60 -8.15
C ILE B 205 -11.99 5.73 -7.65
N SER B 206 -11.70 4.46 -7.39
CA SER B 206 -12.71 3.50 -7.00
C SER B 206 -12.70 3.30 -5.48
N LEU B 207 -13.89 3.06 -4.93
CA LEU B 207 -14.00 2.70 -3.53
C LEU B 207 -13.51 1.28 -3.29
N HIS B 208 -12.82 1.08 -2.17
CA HIS B 208 -12.24 -0.23 -1.87
C HIS B 208 -13.35 -1.25 -1.62
N CYS B 209 -13.24 -2.41 -2.27
CA CYS B 209 -14.21 -3.47 -2.12
C CYS B 209 -13.50 -4.72 -1.60
N PRO B 210 -14.00 -5.36 -0.54
CA PRO B 210 -13.32 -6.55 -0.03
C PRO B 210 -13.54 -7.78 -0.92
N CYS B 211 -14.20 -7.60 -2.05
CA CYS B 211 -14.52 -8.68 -2.98
C CYS B 211 -15.40 -9.74 -2.31
N CYS B 212 -16.61 -9.31 -1.97
CA CYS B 212 -17.61 -10.23 -1.45
C CYS B 212 -17.12 -10.88 -0.16
N GLU B 227 -22.01 -0.05 -0.77
CA GLU B 227 -21.52 1.17 -0.15
C GLU B 227 -21.09 2.16 -1.23
N GLU B 228 -21.53 3.40 -1.11
CA GLU B 228 -21.26 4.42 -2.11
C GLU B 228 -20.02 5.22 -1.76
N LEU B 229 -19.38 5.78 -2.79
CA LEU B 229 -18.21 6.64 -2.61
C LEU B 229 -18.68 7.98 -2.06
N GLU B 230 -18.52 8.17 -0.76
CA GLU B 230 -18.94 9.40 -0.10
C GLU B 230 -17.87 10.48 -0.11
N ALA B 231 -16.76 10.25 -0.81
CA ALA B 231 -15.70 11.25 -0.92
C ALA B 231 -15.92 12.10 -2.16
N ARG B 232 -15.94 13.42 -1.98
CA ARG B 232 -16.13 14.37 -3.06
C ARG B 232 -14.82 15.06 -3.40
N PHE B 233 -14.60 15.27 -4.70
CA PHE B 233 -13.37 15.86 -5.21
C PHE B 233 -13.70 17.09 -6.04
N ALA B 234 -12.90 18.13 -5.88
CA ALA B 234 -13.10 19.35 -6.64
C ALA B 234 -12.87 19.11 -8.13
N GLY B 235 -13.75 19.67 -8.95
CA GLY B 235 -13.69 19.50 -10.39
C GLY B 235 -14.31 18.23 -10.91
N ILE B 236 -14.58 17.25 -10.04
CA ILE B 236 -15.18 15.99 -10.44
C ILE B 236 -16.59 15.83 -9.89
N ASP B 237 -16.82 16.30 -8.66
CA ASP B 237 -18.13 16.20 -8.03
C ASP B 237 -18.72 17.59 -7.84
N GLY B 238 -18.93 18.31 -8.93
CA GLY B 238 -19.49 19.65 -8.86
C GLY B 238 -19.76 20.24 -10.24
N GLY B 259 -9.58 27.12 -8.45
CA GLY B 259 -8.14 26.98 -8.27
C GLY B 259 -7.75 25.63 -7.67
N LYS B 260 -8.70 24.72 -7.57
CA LYS B 260 -8.50 23.39 -7.02
C LYS B 260 -8.70 22.32 -8.10
N THR B 261 -8.29 22.62 -9.32
CA THR B 261 -8.50 21.71 -10.43
C THR B 261 -7.60 20.48 -10.28
N PRO B 262 -8.11 19.28 -10.56
CA PRO B 262 -7.23 18.10 -10.63
C PRO B 262 -6.17 18.32 -11.71
N HIS B 263 -4.94 17.89 -11.41
CA HIS B 263 -3.85 18.16 -12.32
C HIS B 263 -2.71 17.19 -12.09
N LEU B 264 -1.90 17.00 -13.13
CA LEU B 264 -0.68 16.23 -13.07
C LEU B 264 0.50 17.16 -12.86
N LEU B 265 1.51 16.67 -12.16
CA LEU B 265 2.77 17.39 -11.97
C LEU B 265 3.87 16.52 -12.55
N LEU B 266 4.25 16.80 -13.79
CA LEU B 266 5.33 16.08 -14.45
C LEU B 266 6.64 16.76 -14.13
N MET B 267 7.65 15.95 -13.79
CA MET B 267 8.95 16.45 -13.36
C MET B 267 10.02 15.83 -14.22
N LEU B 268 10.72 16.65 -15.00
CA LEU B 268 11.71 16.21 -15.95
C LEU B 268 13.10 16.63 -15.47
N LEU B 269 14.12 15.97 -16.01
CA LEU B 269 15.51 16.36 -15.79
C LEU B 269 16.12 16.75 -17.13
N PRO B 270 16.44 18.02 -17.35
CA PRO B 270 16.91 18.45 -18.67
C PRO B 270 18.14 17.67 -19.11
N SER B 271 18.28 17.53 -20.43
CA SER B 271 19.36 16.73 -20.98
C SER B 271 20.72 17.32 -20.66
N TYR B 272 20.85 18.66 -20.72
CA TYR B 272 22.13 19.26 -20.40
C TYR B 272 22.51 19.07 -18.93
N ARG B 273 21.55 18.70 -18.09
CA ARG B 273 21.83 18.33 -16.71
C ARG B 273 22.07 16.84 -16.54
N LEU B 274 22.22 16.10 -17.64
CA LEU B 274 22.51 14.68 -17.60
C LEU B 274 23.94 14.39 -18.07
N GLU B 275 24.86 15.30 -17.79
CA GLU B 275 26.28 15.18 -18.15
C GLU B 275 26.49 15.30 -19.66
N SER B 276 25.70 14.56 -20.45
CA SER B 276 25.82 14.62 -21.90
C SER B 276 25.44 15.98 -22.43
N LEU B 283 28.88 4.87 -0.86
CA LEU B 283 30.20 4.30 -1.07
C LEU B 283 30.24 2.84 -0.60
N ASP B 284 29.40 2.02 -1.22
CA ASP B 284 29.38 0.61 -0.88
C ASP B 284 30.74 -0.02 -1.15
N ALA B 285 30.97 -1.19 -0.55
CA ALA B 285 32.24 -1.89 -0.70
C ALA B 285 32.22 -2.80 -1.93
N CYS B 288 34.14 1.20 -2.71
CA CYS B 288 35.29 0.65 -2.00
C CYS B 288 35.36 -0.87 -2.14
N ASN B 291 37.39 -0.08 -5.94
CA ASN B 291 38.10 1.18 -6.14
C ASN B 291 38.64 1.69 -4.82
N VAL B 292 39.52 0.92 -4.19
CA VAL B 292 40.11 1.32 -2.92
C VAL B 292 40.67 2.73 -3.08
N GLN B 293 40.65 3.51 -2.00
CA GLN B 293 41.06 4.91 -2.06
C GLN B 293 41.44 5.35 -0.65
N ASP B 294 41.78 6.63 -0.52
CA ASP B 294 42.13 7.23 0.77
C ASP B 294 41.27 8.44 1.07
N ASN B 295 40.13 8.58 0.39
CA ASN B 295 39.11 9.59 0.67
C ASN B 295 37.90 8.91 1.29
N CYS B 296 36.89 9.72 1.62
CA CYS B 296 35.68 9.19 2.26
C CYS B 296 35.18 7.97 1.51
N CYS B 297 35.09 6.85 2.23
CA CYS B 297 34.94 5.56 1.57
C CYS B 297 34.72 4.49 2.64
N LEU B 298 33.89 3.50 2.33
CA LEU B 298 33.60 2.44 3.29
C LEU B 298 34.82 1.55 3.47
N ARG B 299 35.02 1.08 4.71
CA ARG B 299 36.18 0.26 5.04
C ARG B 299 35.72 -1.02 5.72
N PRO B 300 36.25 -2.18 5.34
CA PRO B 300 35.77 -3.43 5.93
C PRO B 300 36.23 -3.60 7.38
N LEU B 301 35.32 -4.06 8.22
CA LEU B 301 35.66 -4.44 9.58
C LEU B 301 34.75 -5.59 10.00
N TYR B 302 35.34 -6.76 10.22
CA TYR B 302 34.61 -7.92 10.71
C TYR B 302 35.05 -8.19 12.14
N ILE B 303 34.10 -8.14 13.06
CA ILE B 303 34.37 -8.33 14.50
C ILE B 303 33.90 -9.72 14.88
N ASP B 304 34.85 -10.60 15.15
CA ASP B 304 34.56 -11.91 15.73
C ASP B 304 34.52 -11.78 17.25
N PHE B 305 33.37 -12.08 17.85
CA PHE B 305 33.15 -11.80 19.26
C PHE B 305 34.22 -12.45 20.13
N LYS B 306 34.54 -13.72 19.86
CA LYS B 306 35.56 -14.39 20.65
C LYS B 306 36.94 -13.79 20.41
N ARG B 307 37.27 -13.52 19.15
CA ARG B 307 38.60 -13.04 18.81
C ARG B 307 38.81 -11.60 19.27
N ASP B 308 38.00 -10.68 18.76
CA ASP B 308 38.22 -9.26 18.94
C ASP B 308 37.53 -8.68 20.18
N LEU B 309 36.69 -9.46 20.86
CA LEU B 309 36.00 -8.98 22.04
C LEU B 309 36.12 -9.90 23.26
N GLY B 310 36.63 -11.12 23.09
CA GLY B 310 36.71 -12.04 24.20
C GLY B 310 35.36 -12.47 24.74
N TRP B 311 34.31 -12.39 23.92
CA TRP B 311 32.95 -12.70 24.35
C TRP B 311 32.58 -14.10 23.86
N LYS B 312 32.22 -14.97 24.80
CA LYS B 312 31.78 -16.33 24.50
C LYS B 312 30.34 -16.56 24.91
N TRP B 313 29.55 -15.50 25.06
CA TRP B 313 28.15 -15.61 25.46
C TRP B 313 27.18 -15.46 24.30
N ILE B 314 27.65 -14.97 23.16
CA ILE B 314 26.83 -14.87 21.95
C ILE B 314 27.03 -16.17 21.17
N HIS B 315 25.97 -16.98 21.08
CA HIS B 315 26.11 -18.29 20.44
C HIS B 315 26.08 -18.17 18.92
N GLU B 316 25.25 -17.28 18.39
CA GLU B 316 25.21 -16.99 16.96
C GLU B 316 24.57 -15.62 16.81
N PRO B 317 25.08 -14.75 15.95
CA PRO B 317 26.17 -14.95 14.98
C PRO B 317 27.55 -15.01 15.61
N LYS B 318 28.43 -15.83 15.04
CA LYS B 318 29.80 -15.91 15.49
C LYS B 318 30.57 -14.62 15.21
N GLY B 319 30.13 -13.85 14.23
CA GLY B 319 30.74 -12.58 13.89
C GLY B 319 29.97 -11.88 12.78
N TYR B 320 30.07 -10.56 12.72
CA TYR B 320 29.35 -9.79 11.71
C TYR B 320 30.26 -8.69 11.18
N ASN B 321 30.05 -8.34 9.91
CA ASN B 321 30.79 -7.26 9.27
C ASN B 321 30.27 -5.93 9.80
N ALA B 322 31.02 -5.31 10.72
CA ALA B 322 30.59 -4.05 11.30
C ALA B 322 30.89 -2.86 10.39
N ASN B 323 32.07 -2.85 9.76
CA ASN B 323 32.46 -1.78 8.85
C ASN B 323 32.57 -0.44 9.57
N PHE B 324 33.17 0.54 8.90
CA PHE B 324 33.32 1.87 9.46
C PHE B 324 33.68 2.84 8.34
N CYS B 325 33.32 4.10 8.52
CA CYS B 325 33.55 5.14 7.53
C CYS B 325 34.81 5.92 7.88
N ALA B 326 35.62 6.20 6.86
CA ALA B 326 36.85 6.96 7.06
C ALA B 326 37.21 7.63 5.75
N GLY B 327 37.98 8.71 5.85
CA GLY B 327 38.42 9.47 4.69
C GLY B 327 38.15 10.96 4.86
N ALA B 328 38.65 11.71 3.88
CA ALA B 328 38.49 13.16 3.84
C ALA B 328 37.66 13.57 2.64
N CYS B 329 36.75 14.52 2.86
CA CYS B 329 35.85 15.07 1.86
C CYS B 329 36.31 16.49 1.48
N PRO B 330 36.08 16.91 0.23
CA PRO B 330 36.56 18.23 -0.20
C PRO B 330 36.00 19.34 0.67
N TYR B 331 36.57 20.53 0.50
CA TYR B 331 36.14 21.70 1.26
C TYR B 331 35.45 22.70 0.34
N LEU B 332 34.56 23.49 0.92
CA LEU B 332 33.86 24.54 0.19
C LEU B 332 33.88 25.85 0.97
N SER B 354 26.86 22.79 2.24
CA SER B 354 27.83 21.75 2.55
C SER B 354 28.55 22.05 3.86
N ALA B 355 28.88 23.33 4.07
CA ALA B 355 29.50 23.78 5.32
C ALA B 355 30.83 23.07 5.48
N SER B 356 31.13 22.44 6.65
CA SER B 356 32.39 21.74 6.88
C SER B 356 32.20 20.23 6.67
N PRO B 357 33.23 19.52 6.19
CA PRO B 357 33.02 18.11 5.84
C PRO B 357 33.39 17.10 6.92
N CYS B 358 32.65 15.99 6.94
CA CYS B 358 32.96 14.85 7.80
C CYS B 358 32.57 13.58 7.07
N CYS B 359 33.40 12.55 7.18
CA CYS B 359 33.10 11.24 6.58
C CYS B 359 32.32 10.45 7.63
N VAL B 360 31.00 10.37 7.45
CA VAL B 360 30.13 9.72 8.42
C VAL B 360 29.34 8.60 7.78
N SER B 361 28.53 7.92 8.57
CA SER B 361 27.69 6.83 8.07
C SER B 361 26.39 7.39 7.52
N GLN B 362 25.89 6.74 6.47
CA GLN B 362 24.63 7.15 5.85
C GLN B 362 23.49 6.24 6.30
N ASP B 363 23.42 5.03 5.74
CA ASP B 363 22.38 4.07 6.06
C ASP B 363 22.96 2.97 6.92
N LEU B 364 22.26 2.61 7.99
CA LEU B 364 22.67 1.54 8.88
C LEU B 364 21.59 0.46 8.94
N GLU B 365 22.02 -0.78 9.14
CA GLU B 365 21.11 -1.90 9.17
C GLU B 365 21.23 -2.64 10.51
N PRO B 366 20.11 -3.07 11.10
CA PRO B 366 20.16 -3.71 12.42
C PRO B 366 20.91 -5.03 12.39
N LEU B 367 21.10 -5.59 13.59
CA LEU B 367 21.81 -6.84 13.78
C LEU B 367 21.04 -7.71 14.78
N THR B 368 20.93 -8.99 14.45
CA THR B 368 20.28 -9.97 15.31
C THR B 368 21.35 -10.78 16.04
N ILE B 369 21.17 -10.97 17.34
CA ILE B 369 22.07 -11.79 18.14
C ILE B 369 21.25 -12.77 18.96
N LEU B 370 21.84 -13.94 19.22
CA LEU B 370 21.28 -14.95 20.10
C LEU B 370 22.25 -15.19 21.23
N TYR B 371 21.85 -14.82 22.46
CA TYR B 371 22.69 -15.05 23.62
C TYR B 371 21.89 -15.75 24.71
N TYR B 372 22.45 -15.85 25.92
CA TYR B 372 21.85 -16.60 27.00
C TYR B 372 22.20 -15.97 28.33
N ILE B 373 21.23 -15.95 29.24
CA ILE B 373 21.47 -15.65 30.65
C ILE B 373 20.87 -16.79 31.46
N GLY B 374 21.68 -17.40 32.31
CA GLY B 374 21.22 -18.61 32.97
C GLY B 374 20.93 -19.67 31.93
N LYS B 375 19.77 -20.31 32.04
CA LYS B 375 19.29 -21.24 31.04
C LYS B 375 18.30 -20.59 30.07
N THR B 376 17.99 -19.31 30.25
CA THR B 376 16.99 -18.63 29.44
C THR B 376 17.62 -18.15 28.13
N PRO B 377 17.02 -18.44 26.98
CA PRO B 377 17.52 -17.88 25.71
C PRO B 377 16.94 -16.51 25.40
N LYS B 378 17.78 -15.69 24.78
CA LYS B 378 17.40 -14.33 24.35
C LYS B 378 17.76 -14.16 22.89
N ILE B 379 16.75 -14.01 22.04
CA ILE B 379 16.92 -13.75 20.61
C ILE B 379 16.48 -12.31 20.39
N GLU B 380 17.45 -11.40 20.32
CA GLU B 380 17.15 -9.97 20.36
C GLU B 380 17.70 -9.25 19.15
N GLN B 381 17.20 -8.03 18.95
CA GLN B 381 17.46 -7.22 17.77
C GLN B 381 18.07 -5.89 18.19
N LEU B 382 19.23 -5.57 17.63
CA LEU B 382 19.94 -4.32 17.93
C LEU B 382 20.02 -3.49 16.66
N SER B 383 19.53 -2.26 16.74
CA SER B 383 19.47 -1.38 15.58
C SER B 383 20.74 -0.56 15.43
N ASN B 384 21.05 -0.19 14.19
CA ASN B 384 22.18 0.68 13.87
C ASN B 384 23.49 0.07 14.33
N MET B 385 23.80 -1.10 13.75
CA MET B 385 25.01 -1.84 14.08
C MET B 385 25.91 -2.09 12.88
N ILE B 386 25.39 -2.03 11.66
CA ILE B 386 26.14 -2.35 10.45
C ILE B 386 26.18 -1.12 9.57
N VAL B 387 27.38 -0.64 9.27
CA VAL B 387 27.58 0.48 8.36
C VAL B 387 27.61 -0.05 6.94
N LYS B 388 26.66 0.39 6.11
CA LYS B 388 26.55 -0.08 4.74
C LYS B 388 27.03 0.92 3.71
N SER B 389 27.04 2.21 4.03
CA SER B 389 27.47 3.22 3.08
C SER B 389 27.89 4.47 3.84
N CYS B 390 28.69 5.31 3.20
CA CYS B 390 29.22 6.53 3.79
C CYS B 390 28.79 7.73 2.97
N LYS B 391 28.86 8.90 3.60
CA LYS B 391 28.54 10.16 2.94
C LYS B 391 29.39 11.27 3.56
N CYS B 392 29.25 12.47 3.02
CA CYS B 392 29.92 13.65 3.54
C CYS B 392 28.87 14.69 3.92
N SER B 393 28.95 15.20 5.15
CA SER B 393 28.00 16.19 5.63
C SER B 393 28.53 16.90 6.87
N VAL C 2 -29.00 -26.84 21.66
CA VAL C 2 -29.06 -27.14 20.24
C VAL C 2 -29.39 -28.63 20.06
N GLN C 3 -29.62 -29.04 18.83
CA GLN C 3 -29.94 -30.42 18.50
C GLN C 3 -29.29 -30.76 17.17
N LEU C 4 -28.79 -32.00 17.06
CA LEU C 4 -28.07 -32.45 15.88
C LEU C 4 -28.65 -33.78 15.42
N GLN C 5 -29.12 -33.81 14.18
CA GLN C 5 -29.78 -34.98 13.60
C GLN C 5 -29.10 -35.34 12.29
N GLU C 6 -28.57 -36.55 12.21
CA GLU C 6 -27.89 -37.05 11.02
C GLU C 6 -28.71 -38.13 10.33
N SER C 7 -28.44 -38.30 9.03
CA SER C 7 -29.12 -39.31 8.23
C SER C 7 -28.28 -39.57 6.98
N GLY C 8 -28.73 -40.54 6.18
CA GLY C 8 -28.07 -40.88 4.94
C GLY C 8 -26.80 -41.70 5.10
N GLY C 9 -26.89 -42.81 5.83
CA GLY C 9 -25.74 -43.68 6.00
C GLY C 9 -26.13 -45.13 5.83
N GLY C 10 -25.26 -45.89 5.17
CA GLY C 10 -25.52 -47.30 4.95
C GLY C 10 -24.40 -48.05 4.27
N LEU C 11 -24.74 -48.94 3.34
CA LEU C 11 -23.77 -49.76 2.62
C LEU C 11 -23.65 -49.32 1.18
N VAL C 12 -22.42 -49.10 0.72
CA VAL C 12 -22.14 -48.68 -0.64
C VAL C 12 -21.00 -49.54 -1.19
N GLN C 13 -21.09 -49.88 -2.48
CA GLN C 13 -20.01 -50.63 -3.12
C GLN C 13 -18.78 -49.74 -3.27
N ALA C 14 -17.61 -50.36 -3.14
CA ALA C 14 -16.35 -49.65 -3.27
C ALA C 14 -16.32 -48.84 -4.56
N GLY C 15 -16.08 -47.54 -4.42
CA GLY C 15 -16.09 -46.62 -5.54
C GLY C 15 -17.41 -45.92 -5.77
N GLY C 16 -18.39 -46.12 -4.91
CA GLY C 16 -19.70 -45.52 -5.05
C GLY C 16 -19.76 -44.14 -4.42
N SER C 17 -20.98 -43.67 -4.19
CA SER C 17 -21.23 -42.35 -3.64
C SER C 17 -22.25 -42.45 -2.51
N LEU C 18 -22.38 -41.36 -1.76
CA LEU C 18 -23.32 -41.26 -0.65
C LEU C 18 -23.29 -39.84 -0.13
N ARG C 19 -24.46 -39.31 0.20
CA ARG C 19 -24.60 -37.94 0.69
C ARG C 19 -25.14 -38.00 2.11
N LEU C 20 -24.33 -37.62 3.08
CA LEU C 20 -24.74 -37.54 4.47
C LEU C 20 -25.34 -36.17 4.77
N SER C 21 -26.17 -36.12 5.80
CA SER C 21 -26.87 -34.91 6.21
C SER C 21 -26.74 -34.71 7.71
N CYS C 22 -26.89 -33.46 8.13
CA CYS C 22 -26.84 -33.11 9.55
C CYS C 22 -27.74 -31.90 9.77
N ALA C 23 -28.85 -32.11 10.48
CA ALA C 23 -29.85 -31.06 10.69
C ALA C 23 -29.67 -30.45 12.08
N ALA C 24 -29.88 -29.14 12.16
CA ALA C 24 -29.72 -28.40 13.41
C ALA C 24 -31.07 -27.94 13.93
N GLY C 26 -33.12 -25.48 18.86
CA GLY C 26 -32.00 -25.34 17.94
C GLY C 26 -31.83 -23.92 17.45
N THR C 27 -30.63 -23.38 17.67
CA THR C 27 -30.32 -22.00 17.28
C THR C 27 -29.41 -21.98 16.07
N ASN C 32 -21.34 -19.17 12.18
CA ASN C 32 -21.25 -20.45 12.89
C ASN C 32 -20.22 -21.35 12.20
N ILE C 33 -19.80 -22.40 12.91
CA ILE C 33 -18.81 -23.34 12.39
C ILE C 33 -19.28 -24.75 12.72
N MET C 34 -19.27 -25.62 11.71
CA MET C 34 -19.70 -27.00 11.87
C MET C 34 -18.77 -27.91 11.08
N GLY C 35 -18.76 -29.20 11.44
CA GLY C 35 -17.89 -30.16 10.79
C GLY C 35 -18.36 -31.57 11.03
N TRP C 36 -17.60 -32.51 10.47
CA TRP C 36 -17.91 -33.94 10.56
C TRP C 36 -16.72 -34.71 11.11
N TYR C 37 -17.01 -35.66 11.99
CA TYR C 37 -16.01 -36.56 12.54
C TYR C 37 -16.32 -37.99 12.11
N ARG C 38 -15.35 -38.89 12.31
CA ARG C 38 -15.52 -40.28 11.93
C ARG C 38 -14.62 -41.14 12.80
N GLN C 39 -15.13 -42.32 13.17
CA GLN C 39 -14.41 -43.26 14.03
C GLN C 39 -14.53 -44.66 13.45
N ALA C 40 -13.44 -45.15 12.88
CA ALA C 40 -13.40 -46.50 12.34
C ALA C 40 -13.33 -47.53 13.47
N PRO C 41 -13.75 -48.77 13.22
CA PRO C 41 -13.69 -49.79 14.27
C PRO C 41 -12.26 -50.04 14.72
N GLY C 42 -12.00 -49.73 15.99
CA GLY C 42 -10.67 -49.90 16.56
C GLY C 42 -9.89 -48.62 16.61
N LYS C 43 -10.01 -47.80 15.56
CA LYS C 43 -9.27 -46.54 15.48
C LYS C 43 -10.07 -45.41 16.11
N GLU C 44 -9.36 -44.39 16.54
CA GLU C 44 -9.97 -43.26 17.25
C GLU C 44 -10.51 -42.24 16.27
N ARG C 45 -11.09 -41.16 16.81
CA ARG C 45 -11.76 -40.17 15.99
C ARG C 45 -10.76 -39.42 15.09
N GLU C 46 -11.30 -38.82 14.05
CA GLU C 46 -10.53 -37.99 13.12
C GLU C 46 -11.49 -37.00 12.47
N LEU C 47 -11.07 -35.73 12.41
CA LEU C 47 -11.88 -34.71 11.76
C LEU C 47 -11.69 -34.81 10.26
N VAL C 48 -12.73 -35.27 9.55
CA VAL C 48 -12.62 -35.45 8.11
C VAL C 48 -12.85 -34.13 7.38
N ALA C 49 -13.90 -33.41 7.75
CA ALA C 49 -14.27 -32.18 7.05
C ALA C 49 -14.81 -31.17 8.06
N GLY C 50 -14.67 -29.90 7.71
CA GLY C 50 -15.19 -28.81 8.51
C GLY C 50 -15.49 -27.58 7.69
N ILE C 51 -16.66 -26.98 7.88
CA ILE C 51 -17.02 -25.74 7.22
C ILE C 51 -17.11 -24.65 8.27
N GLY C 52 -17.03 -23.40 7.82
CA GLY C 52 -17.01 -22.27 8.72
C GLY C 52 -17.05 -20.93 8.03
N TYR C 53 -16.16 -20.03 8.44
CA TYR C 53 -16.06 -18.67 7.92
C TYR C 53 -16.59 -18.52 6.50
N SER C 55 -18.41 -20.09 4.08
CA SER C 55 -18.38 -21.33 3.32
C SER C 55 -16.94 -21.83 3.15
N SER C 56 -16.04 -21.35 4.00
CA SER C 56 -14.68 -21.86 3.98
C SER C 56 -14.65 -23.29 4.51
N THR C 57 -13.73 -24.08 4.00
CA THR C 57 -13.73 -25.52 4.25
C THR C 57 -12.36 -25.98 4.75
N TYR C 58 -12.40 -27.01 5.59
CA TYR C 58 -11.22 -27.78 5.96
C TYR C 58 -11.52 -29.25 5.72
N TYR C 59 -10.77 -29.86 4.82
CA TYR C 59 -10.87 -31.28 4.54
C TYR C 59 -9.64 -31.98 5.12
N ALA C 60 -9.79 -33.28 5.38
CA ALA C 60 -8.64 -34.04 5.83
C ALA C 60 -7.77 -34.44 4.65
N ASP C 61 -6.54 -34.84 4.96
CA ASP C 61 -5.62 -35.23 3.90
C ASP C 61 -6.01 -36.57 3.31
N SER C 62 -6.67 -37.43 4.08
CA SER C 62 -7.05 -38.76 3.62
C SER C 62 -8.29 -38.76 2.73
N VAL C 63 -9.06 -37.67 2.72
CA VAL C 63 -10.27 -37.56 1.92
C VAL C 63 -10.16 -36.46 0.88
N LYS C 64 -9.02 -35.79 0.80
CA LYS C 64 -8.81 -34.74 -0.19
C LYS C 64 -9.21 -35.25 -1.56
N SER C 65 -9.87 -34.39 -2.34
CA SER C 65 -10.32 -34.67 -3.69
C SER C 65 -11.48 -35.66 -3.75
N ARG C 66 -12.04 -36.10 -2.62
CA ARG C 66 -13.18 -37.00 -2.66
C ARG C 66 -14.40 -36.48 -1.89
N PHE C 67 -14.24 -36.05 -0.65
CA PHE C 67 -15.39 -35.60 0.13
C PHE C 67 -15.57 -34.09 0.00
N THR C 68 -16.83 -33.66 0.11
CA THR C 68 -17.20 -32.26 -0.02
C THR C 68 -18.19 -31.89 1.08
N ILE C 69 -17.96 -30.74 1.71
CA ILE C 69 -18.81 -30.22 2.78
C ILE C 69 -19.60 -29.03 2.25
N SER C 70 -20.79 -28.84 2.82
CA SER C 70 -21.66 -27.75 2.43
C SER C 70 -22.67 -27.50 3.56
N ARG C 71 -23.43 -26.43 3.42
CA ARG C 71 -24.44 -26.07 4.42
C ARG C 71 -25.57 -25.30 3.74
N ASP C 72 -26.79 -25.56 4.21
CA ASP C 72 -27.99 -24.86 3.73
C ASP C 72 -28.36 -23.81 4.77
N ASN C 73 -27.93 -22.58 4.56
CA ASN C 73 -28.22 -21.51 5.51
C ASN C 73 -29.71 -21.32 5.73
N ALA C 74 -30.54 -21.73 4.75
CA ALA C 74 -31.99 -21.65 4.94
C ALA C 74 -32.47 -22.74 5.90
N LYS C 75 -32.13 -24.00 5.62
CA LYS C 75 -32.57 -25.12 6.43
C LYS C 75 -31.67 -25.39 7.63
N ASN C 76 -30.50 -24.76 7.71
CA ASN C 76 -29.56 -25.01 8.79
C ASN C 76 -29.19 -26.50 8.83
N THR C 77 -28.73 -27.00 7.67
CA THR C 77 -28.32 -28.39 7.53
C THR C 77 -26.96 -28.45 6.86
N VAL C 78 -26.06 -29.25 7.41
CA VAL C 78 -24.71 -29.44 6.86
C VAL C 78 -24.68 -30.77 6.13
N TYR C 79 -24.19 -30.77 4.90
CA TYR C 79 -24.15 -31.94 4.05
C TYR C 79 -22.71 -32.48 3.96
N LEU C 80 -22.60 -33.69 3.44
CA LEU C 80 -21.29 -34.32 3.23
C LEU C 80 -21.40 -35.23 2.02
N GLN C 81 -20.96 -34.73 0.86
CA GLN C 81 -21.03 -35.50 -0.38
C GLN C 81 -19.79 -36.39 -0.46
N MET C 82 -19.97 -37.68 -0.14
CA MET C 82 -18.89 -38.66 -0.16
C MET C 82 -18.97 -39.45 -1.45
N ASN C 83 -18.13 -39.10 -2.41
CA ASN C 83 -18.06 -39.78 -3.69
C ASN C 83 -16.78 -40.60 -3.79
N SER C 84 -16.83 -41.63 -4.65
CA SER C 84 -15.70 -42.52 -4.88
C SER C 84 -15.19 -43.13 -3.58
N LEU C 85 -16.11 -43.81 -2.89
CA LEU C 85 -15.78 -44.39 -1.59
C LEU C 85 -14.73 -45.49 -1.74
N LYS C 86 -14.01 -45.72 -0.66
CA LYS C 86 -12.95 -46.72 -0.58
C LYS C 86 -13.18 -47.58 0.65
N PRO C 87 -12.63 -48.80 0.68
CA PRO C 87 -12.86 -49.68 1.84
C PRO C 87 -12.39 -49.08 3.16
N GLU C 88 -11.61 -48.00 3.14
CA GLU C 88 -11.12 -47.37 4.35
C GLU C 88 -12.05 -46.27 4.86
N ASP C 89 -13.12 -45.94 4.14
CA ASP C 89 -14.07 -44.92 4.55
C ASP C 89 -15.19 -45.49 5.42
N THR C 90 -14.97 -46.64 6.04
CA THR C 90 -15.99 -47.31 6.82
C THR C 90 -15.87 -46.87 8.28
N ALA C 91 -16.93 -46.25 8.80
CA ALA C 91 -16.93 -45.77 10.18
C ALA C 91 -18.28 -45.16 10.53
N VAL C 92 -18.44 -44.75 11.78
CA VAL C 92 -19.61 -44.00 12.21
C VAL C 92 -19.27 -42.52 12.09
N TYR C 93 -20.17 -41.75 11.48
CA TYR C 93 -19.92 -40.36 11.15
C TYR C 93 -20.72 -39.46 12.09
N TYR C 94 -20.01 -38.59 12.82
CA TYR C 94 -20.61 -37.68 13.78
C TYR C 94 -20.39 -36.25 13.30
N CYS C 95 -21.46 -35.55 12.95
CA CYS C 95 -21.35 -34.12 12.69
C CYS C 95 -21.30 -33.37 14.00
N ALA C 96 -20.60 -32.24 14.00
CA ALA C 96 -20.38 -31.48 15.21
C ALA C 96 -20.51 -29.99 14.90
N ALA C 97 -20.99 -29.24 15.89
CA ALA C 97 -21.15 -27.80 15.78
C ALA C 97 -20.14 -27.11 16.70
N GLN C 98 -20.13 -25.78 16.62
CA GLN C 98 -19.21 -24.95 17.39
C GLN C 98 -19.92 -24.36 18.59
N ASN C 99 -19.21 -24.25 19.70
CA ASN C 99 -19.76 -23.53 20.84
C ASN C 99 -19.90 -22.05 20.50
N ARG C 100 -20.96 -21.44 21.00
CA ARG C 100 -21.41 -20.12 20.59
C ARG C 100 -20.27 -19.12 20.37
N ASP C 101 -19.25 -19.14 21.22
CA ASP C 101 -18.16 -18.19 21.09
C ASP C 101 -16.77 -18.78 21.32
N GLY C 102 -16.64 -20.04 21.71
CA GLY C 102 -15.35 -20.63 21.96
C GLY C 102 -14.85 -21.42 20.78
N TRP C 103 -13.55 -21.73 20.80
CA TRP C 103 -12.90 -22.48 19.73
C TRP C 103 -12.94 -23.99 19.96
N TYR C 104 -14.01 -24.49 20.58
CA TYR C 104 -14.23 -25.92 20.78
C TYR C 104 -15.31 -26.42 19.81
N PHE C 105 -15.90 -27.58 20.10
CA PHE C 105 -17.03 -28.12 19.35
C PHE C 105 -18.22 -28.36 20.25
N TYR C 106 -18.06 -29.15 21.32
CA TYR C 106 -19.08 -29.29 22.36
C TYR C 106 -20.31 -30.09 21.91
N TYR C 107 -21.00 -29.62 20.87
CA TYR C 107 -22.26 -30.22 20.45
C TYR C 107 -22.00 -31.33 19.43
N TRP C 108 -22.54 -32.51 19.70
CA TRP C 108 -22.41 -33.68 18.82
C TRP C 108 -23.77 -34.34 18.63
N GLY C 109 -23.79 -35.36 17.77
CA GLY C 109 -24.98 -36.14 17.53
C GLY C 109 -24.66 -37.63 17.49
N GLN C 110 -25.72 -38.42 17.39
CA GLN C 110 -25.54 -39.88 17.35
C GLN C 110 -24.82 -40.32 16.09
N GLY C 111 -25.22 -39.78 14.94
CA GLY C 111 -24.56 -40.07 13.68
C GLY C 111 -24.97 -41.41 13.10
N THR C 112 -24.83 -41.51 11.77
CA THR C 112 -25.13 -42.70 11.01
C THR C 112 -23.86 -43.47 10.67
N GLN C 113 -24.04 -44.72 10.27
CA GLN C 113 -22.95 -45.63 9.95
C GLN C 113 -22.85 -45.79 8.44
N VAL C 114 -21.60 -45.88 7.95
CA VAL C 114 -21.31 -46.10 6.54
C VAL C 114 -20.43 -47.34 6.43
N THR C 115 -20.65 -48.13 5.39
CA THR C 115 -19.91 -49.38 5.19
C THR C 115 -19.59 -49.54 3.72
N VAL C 116 -18.30 -49.47 3.37
CA VAL C 116 -17.84 -49.59 1.99
C VAL C 116 -17.39 -51.03 1.75
N SER C 117 -17.75 -51.56 0.59
CA SER C 117 -17.41 -52.95 0.23
C SER C 117 -16.20 -52.99 -0.69
N VAL D 2 -21.74 3.39 -40.17
CA VAL D 2 -22.58 3.21 -38.99
C VAL D 2 -23.92 3.90 -39.22
N GLN D 3 -24.87 3.69 -38.31
CA GLN D 3 -26.19 4.30 -38.42
C GLN D 3 -26.71 4.64 -37.04
N LEU D 4 -27.35 5.80 -36.92
CA LEU D 4 -27.91 6.26 -35.66
C LEU D 4 -29.33 6.76 -35.92
N GLN D 5 -30.31 6.14 -35.26
CA GLN D 5 -31.72 6.47 -35.44
C GLN D 5 -32.34 6.72 -34.07
N GLU D 6 -32.94 7.89 -33.91
CA GLU D 6 -33.58 8.28 -32.66
C GLU D 6 -35.10 8.21 -32.80
N SER D 7 -35.77 8.14 -31.66
CA SER D 7 -37.22 8.06 -31.62
C SER D 7 -37.69 8.55 -30.27
N GLY D 8 -39.01 8.63 -30.10
CA GLY D 8 -39.58 9.14 -28.87
C GLY D 8 -39.46 10.64 -28.82
N GLY D 9 -40.53 11.32 -28.41
CA GLY D 9 -40.49 12.77 -28.30
C GLY D 9 -41.73 13.43 -28.87
N GLY D 10 -42.22 14.45 -28.18
CA GLY D 10 -43.40 15.17 -28.61
C GLY D 10 -43.72 16.30 -27.66
N LEU D 11 -45.00 16.45 -27.32
CA LEU D 11 -45.47 17.46 -26.38
C LEU D 11 -45.83 16.76 -25.09
N VAL D 12 -45.37 17.31 -23.97
CA VAL D 12 -45.56 16.71 -22.66
C VAL D 12 -46.12 17.78 -21.72
N GLN D 13 -46.98 17.34 -20.80
CA GLN D 13 -47.56 18.25 -19.83
C GLN D 13 -46.47 18.77 -18.91
N ALA D 14 -46.59 20.05 -18.54
CA ALA D 14 -45.60 20.68 -17.67
C ALA D 14 -45.40 19.86 -16.41
N GLY D 15 -44.16 19.43 -16.19
CA GLY D 15 -43.84 18.58 -15.07
C GLY D 15 -43.91 17.10 -15.35
N GLY D 16 -44.14 16.71 -16.60
CA GLY D 16 -44.29 15.32 -16.98
C GLY D 16 -42.97 14.64 -17.27
N SER D 17 -43.06 13.51 -17.95
CA SER D 17 -41.91 12.67 -18.26
C SER D 17 -41.93 12.29 -19.73
N LEU D 18 -40.82 11.71 -20.19
CA LEU D 18 -40.69 11.30 -21.59
C LEU D 18 -39.38 10.52 -21.73
N ARG D 19 -39.42 9.45 -22.52
CA ARG D 19 -38.25 8.59 -22.72
C ARG D 19 -37.85 8.64 -24.19
N LEU D 20 -36.70 9.24 -24.45
CA LEU D 20 -36.13 9.24 -25.79
C LEU D 20 -35.25 8.00 -25.98
N SER D 21 -35.08 7.61 -27.24
CA SER D 21 -34.30 6.43 -27.58
C SER D 21 -33.36 6.76 -28.74
N CYS D 22 -32.28 5.97 -28.83
CA CYS D 22 -31.31 6.13 -29.91
C CYS D 22 -30.71 4.76 -30.20
N ALA D 23 -31.02 4.20 -31.37
CA ALA D 23 -30.56 2.88 -31.75
C ALA D 23 -29.36 2.98 -32.68
N ALA D 24 -28.40 2.08 -32.52
CA ALA D 24 -27.18 2.05 -33.32
C ALA D 24 -27.24 0.81 -34.20
N SER D 25 -27.56 1.00 -35.48
CA SER D 25 -27.72 -0.13 -36.40
C SER D 25 -26.52 -0.22 -37.35
N GLY D 26 -25.32 -0.31 -36.78
CA GLY D 26 -24.11 -0.44 -37.57
C GLY D 26 -22.87 -0.60 -36.72
N THR D 27 -22.02 -1.54 -37.10
CA THR D 27 -20.79 -1.83 -36.35
C THR D 27 -21.06 -1.92 -34.85
N ASN D 32 -17.57 2.36 -26.48
CA ASN D 32 -18.34 3.17 -27.42
C ASN D 32 -19.07 4.30 -26.68
N ILE D 33 -18.32 5.36 -26.36
CA ILE D 33 -18.90 6.47 -25.62
C ILE D 33 -20.05 7.07 -26.42
N MET D 34 -21.19 7.28 -25.75
CA MET D 34 -22.37 7.82 -26.39
C MET D 34 -23.01 8.85 -25.47
N GLY D 35 -23.79 9.74 -26.07
CA GLY D 35 -24.42 10.80 -25.31
C GLY D 35 -25.56 11.44 -26.08
N TRP D 36 -26.15 12.45 -25.46
CA TRP D 36 -27.28 13.20 -26.02
C TRP D 36 -26.93 14.67 -26.05
N TYR D 37 -27.28 15.33 -27.15
CA TYR D 37 -27.08 16.76 -27.33
C TYR D 37 -28.42 17.47 -27.41
N ARG D 38 -28.36 18.79 -27.32
CA ARG D 38 -29.58 19.60 -27.31
C ARG D 38 -29.28 20.98 -27.88
N GLN D 39 -30.20 21.48 -28.71
CA GLN D 39 -30.07 22.80 -29.32
C GLN D 39 -31.42 23.49 -29.27
N ALA D 40 -31.56 24.46 -28.37
CA ALA D 40 -32.79 25.24 -28.31
C ALA D 40 -32.83 26.25 -29.46
N PRO D 41 -34.01 26.71 -29.84
CA PRO D 41 -34.11 27.71 -30.92
C PRO D 41 -33.39 28.99 -30.54
N GLY D 42 -32.32 29.29 -31.29
CA GLY D 42 -31.54 30.48 -31.04
C GLY D 42 -30.28 30.19 -30.25
N LYS D 43 -30.36 29.27 -29.31
CA LYS D 43 -29.25 28.93 -28.43
C LYS D 43 -28.37 27.85 -29.05
N GLU D 44 -27.13 27.80 -28.59
CA GLU D 44 -26.14 26.90 -29.15
C GLU D 44 -26.28 25.51 -28.55
N ARG D 45 -25.45 24.58 -29.05
CA ARG D 45 -25.55 23.19 -28.62
C ARG D 45 -25.12 23.05 -27.16
N GLU D 46 -25.56 21.95 -26.55
CA GLU D 46 -25.16 21.62 -25.19
C GLU D 46 -25.27 20.12 -24.99
N LEU D 47 -24.25 19.52 -24.40
CA LEU D 47 -24.25 18.09 -24.10
C LEU D 47 -25.06 17.87 -22.83
N VAL D 48 -26.23 17.26 -22.97
CA VAL D 48 -27.13 17.08 -21.83
C VAL D 48 -26.71 15.90 -20.98
N ALA D 49 -26.45 14.75 -21.62
CA ALA D 49 -26.12 13.53 -20.91
C ALA D 49 -25.09 12.76 -21.72
N GLY D 50 -24.34 11.90 -21.03
CA GLY D 50 -23.36 11.08 -21.69
C GLY D 50 -23.12 9.77 -20.96
N ILE D 51 -23.14 8.67 -21.69
CA ILE D 51 -22.85 7.35 -21.14
C ILE D 51 -21.55 6.84 -21.75
N GLY D 52 -20.94 5.87 -21.07
CA GLY D 52 -19.70 5.31 -21.57
C GLY D 52 -19.17 4.15 -20.74
N TYR D 53 -17.86 4.08 -20.59
CA TYR D 53 -17.19 3.03 -19.82
C TYR D 53 -17.99 2.60 -18.60
N SER D 55 -21.18 1.67 -17.97
CA SER D 55 -22.39 2.37 -17.58
C SER D 55 -22.06 3.68 -16.85
N SER D 56 -20.85 4.19 -17.07
CA SER D 56 -20.46 5.47 -16.50
C SER D 56 -21.23 6.59 -17.19
N THR D 57 -21.53 7.65 -16.42
CA THR D 57 -22.42 8.70 -16.87
C THR D 57 -21.81 10.08 -16.68
N TYR D 58 -22.16 10.98 -17.59
CA TYR D 58 -21.92 12.42 -17.44
C TYR D 58 -23.23 13.15 -17.72
N TYR D 59 -23.75 13.84 -16.71
CA TYR D 59 -24.95 14.66 -16.86
C TYR D 59 -24.60 16.14 -16.78
N ALA D 60 -25.47 16.96 -17.37
CA ALA D 60 -25.36 18.41 -17.27
C ALA D 60 -25.99 18.90 -15.96
N ASP D 61 -25.68 20.14 -15.60
CA ASP D 61 -26.17 20.69 -14.34
C ASP D 61 -27.66 20.99 -14.39
N SER D 62 -28.19 21.37 -15.55
CA SER D 62 -29.60 21.70 -15.66
C SER D 62 -30.48 20.47 -15.72
N VAL D 63 -29.88 19.29 -15.90
CA VAL D 63 -30.63 18.04 -16.02
C VAL D 63 -30.30 17.06 -14.90
N LYS D 64 -29.34 17.36 -14.04
CA LYS D 64 -28.99 16.46 -12.95
C LYS D 64 -30.18 16.19 -12.05
N SER D 65 -30.32 14.94 -11.63
CA SER D 65 -31.38 14.47 -10.73
C SER D 65 -32.75 14.50 -11.38
N ARG D 66 -32.83 14.84 -12.67
CA ARG D 66 -34.07 14.85 -13.42
C ARG D 66 -33.97 13.95 -14.65
N PHE D 67 -32.91 14.08 -15.42
CA PHE D 67 -32.69 13.27 -16.61
C PHE D 67 -31.83 12.06 -16.25
N THR D 68 -32.07 10.96 -16.96
CA THR D 68 -31.31 9.73 -16.74
C THR D 68 -30.95 9.14 -18.08
N ILE D 69 -29.69 8.72 -18.23
CA ILE D 69 -29.20 8.10 -19.44
C ILE D 69 -28.98 6.62 -19.18
N SER D 70 -29.14 5.81 -20.22
CA SER D 70 -28.97 4.37 -20.10
C SER D 70 -28.69 3.81 -21.48
N ARG D 71 -28.30 2.54 -21.51
CA ARG D 71 -28.01 1.85 -22.75
C ARG D 71 -28.23 0.36 -22.58
N ASP D 72 -28.78 -0.27 -23.62
CA ASP D 72 -28.98 -1.72 -23.65
C ASP D 72 -27.88 -2.30 -24.54
N ASN D 73 -26.80 -2.75 -23.91
CA ASN D 73 -25.68 -3.31 -24.67
C ASN D 73 -26.11 -4.48 -25.55
N ALA D 74 -27.22 -5.15 -25.20
CA ALA D 74 -27.73 -6.21 -26.05
C ALA D 74 -28.37 -5.63 -27.31
N LYS D 75 -29.31 -4.71 -27.14
CA LYS D 75 -30.03 -4.12 -28.26
C LYS D 75 -29.29 -2.94 -28.90
N ASN D 76 -28.22 -2.45 -28.26
CA ASN D 76 -27.47 -1.30 -28.77
C ASN D 76 -28.38 -0.08 -28.93
N THR D 77 -29.08 0.26 -27.86
CA THR D 77 -29.96 1.43 -27.84
C THR D 77 -29.66 2.24 -26.59
N VAL D 78 -29.51 3.55 -26.75
CA VAL D 78 -29.24 4.46 -25.65
C VAL D 78 -30.53 5.21 -25.34
N TYR D 79 -30.89 5.24 -24.06
CA TYR D 79 -32.13 5.87 -23.62
C TYR D 79 -31.84 7.21 -22.95
N LEU D 80 -32.92 7.99 -22.77
CA LEU D 80 -32.83 9.28 -22.08
C LEU D 80 -34.17 9.50 -21.39
N GLN D 81 -34.21 9.19 -20.10
CA GLN D 81 -35.44 9.33 -19.30
C GLN D 81 -35.50 10.78 -18.80
N MET D 82 -36.35 11.58 -19.44
CA MET D 82 -36.51 13.00 -19.11
C MET D 82 -37.68 13.12 -18.14
N ASN D 83 -37.38 13.19 -16.85
CA ASN D 83 -38.38 13.33 -15.80
C ASN D 83 -38.31 14.72 -15.19
N SER D 84 -39.44 15.14 -14.61
CA SER D 84 -39.55 16.46 -13.99
C SER D 84 -39.15 17.55 -14.97
N LEU D 85 -39.78 17.53 -16.14
CA LEU D 85 -39.43 18.46 -17.20
C LEU D 85 -39.76 19.89 -16.83
N LYS D 86 -39.04 20.83 -17.43
CA LYS D 86 -39.20 22.25 -17.21
C LYS D 86 -39.33 22.96 -18.56
N PRO D 87 -39.94 24.15 -18.58
CA PRO D 87 -40.14 24.84 -19.87
C PRO D 87 -38.85 25.16 -20.62
N GLU D 88 -37.68 25.01 -19.99
CA GLU D 88 -36.42 25.31 -20.64
C GLU D 88 -35.80 24.12 -21.35
N ASP D 89 -36.40 22.93 -21.24
CA ASP D 89 -35.88 21.72 -21.86
C ASP D 89 -36.44 21.50 -23.28
N THR D 90 -36.90 22.57 -23.94
CA THR D 90 -37.51 22.45 -25.26
C THR D 90 -36.44 22.60 -26.33
N ALA D 91 -36.26 21.56 -27.15
CA ALA D 91 -35.27 21.57 -28.21
C ALA D 91 -35.27 20.27 -29.00
N VAL D 92 -34.44 20.20 -30.03
CA VAL D 92 -34.23 18.96 -30.77
C VAL D 92 -33.05 18.22 -30.15
N TYR D 93 -33.22 16.92 -29.92
CA TYR D 93 -32.24 16.11 -29.21
C TYR D 93 -31.54 15.18 -30.19
N TYR D 94 -30.21 15.29 -30.24
CA TYR D 94 -29.39 14.51 -31.17
C TYR D 94 -28.49 13.58 -30.36
N CYS D 95 -28.71 12.28 -30.48
CA CYS D 95 -27.79 11.31 -29.91
C CYS D 95 -26.57 11.17 -30.79
N ALA D 96 -25.43 10.89 -30.17
CA ALA D 96 -24.16 10.83 -30.87
C ALA D 96 -23.32 9.68 -30.34
N ALA D 97 -22.53 9.09 -31.22
CA ALA D 97 -21.62 8.01 -30.88
C ALA D 97 -20.18 8.49 -30.94
N GLN D 98 -19.25 7.61 -30.60
CA GLN D 98 -17.84 7.92 -30.52
C GLN D 98 -17.14 7.41 -31.77
N ASN D 99 -16.14 8.17 -32.23
CA ASN D 99 -15.30 7.71 -33.33
C ASN D 99 -14.45 6.54 -32.87
N ARG D 100 -14.29 5.55 -33.75
CA ARG D 100 -13.73 4.25 -33.39
C ARG D 100 -12.54 4.31 -32.43
N ASP D 101 -11.65 5.31 -32.60
CA ASP D 101 -10.44 5.38 -31.78
C ASP D 101 -10.16 6.76 -31.22
N GLY D 102 -10.88 7.80 -31.65
CA GLY D 102 -10.65 9.14 -31.17
C GLY D 102 -11.67 9.58 -30.14
N TRP D 103 -11.36 10.69 -29.49
CA TRP D 103 -12.28 11.33 -28.54
C TRP D 103 -13.21 12.29 -29.26
N TYR D 104 -13.68 11.89 -30.45
CA TYR D 104 -14.57 12.65 -31.28
C TYR D 104 -16.02 12.21 -31.03
N PHE D 105 -16.92 12.58 -31.93
CA PHE D 105 -18.28 12.06 -31.91
C PHE D 105 -18.61 11.52 -33.30
N TYR D 106 -18.49 12.36 -34.31
CA TYR D 106 -18.57 11.93 -35.71
C TYR D 106 -19.99 11.53 -36.10
N TYR D 107 -20.55 10.53 -35.42
CA TYR D 107 -21.85 9.98 -35.78
C TYR D 107 -22.95 10.74 -35.07
N TRP D 108 -23.90 11.27 -35.84
CA TRP D 108 -25.06 11.98 -35.31
C TRP D 108 -26.31 11.49 -36.03
N GLY D 109 -27.46 11.97 -35.56
CA GLY D 109 -28.72 11.68 -36.21
C GLY D 109 -29.58 12.93 -36.31
N GLN D 110 -30.69 12.80 -37.02
CA GLN D 110 -31.59 13.94 -37.17
C GLN D 110 -32.24 14.28 -35.84
N GLY D 111 -32.70 13.28 -35.10
CA GLY D 111 -33.25 13.50 -33.78
C GLY D 111 -34.66 14.03 -33.83
N THR D 112 -35.38 13.79 -32.74
CA THR D 112 -36.75 14.28 -32.59
C THR D 112 -36.77 15.52 -31.71
N GLN D 113 -37.86 16.27 -31.81
CA GLN D 113 -38.02 17.52 -31.08
C GLN D 113 -39.03 17.34 -29.96
N VAL D 114 -38.76 17.99 -28.82
CA VAL D 114 -39.66 17.98 -27.68
C VAL D 114 -39.98 19.41 -27.29
N THR D 115 -41.24 19.66 -26.93
CA THR D 115 -41.68 20.99 -26.53
C THR D 115 -42.66 20.79 -25.38
N VAL D 116 -42.27 21.23 -24.18
CA VAL D 116 -43.09 21.07 -22.98
C VAL D 116 -43.86 22.36 -22.74
N SER D 117 -45.13 22.21 -22.36
CA SER D 117 -46.00 23.35 -22.11
C SER D 117 -46.10 23.64 -20.62
C1 NAG E . 18.58 -21.51 9.90
C2 NAG E . 17.90 -22.71 9.25
C3 NAG E . 18.94 -23.60 8.59
C4 NAG E . 19.75 -22.80 7.59
C5 NAG E . 20.37 -21.58 8.26
C6 NAG E . 21.03 -20.64 7.28
C7 NAG E . 17.60 -24.02 11.32
C8 NAG E . 16.62 -24.73 12.20
N2 NAG E . 17.10 -23.45 10.22
O3 NAG E . 18.27 -24.67 7.94
O4 NAG E . 20.76 -23.61 7.01
O5 NAG E . 19.35 -20.81 8.92
O6 NAG E . 22.40 -20.42 7.61
O7 NAG E . 18.80 -23.97 11.58
H2 NAG E . 17.31 -22.38 8.55
H3 NAG E . 19.54 -23.97 9.26
H4 NAG E . 19.16 -22.49 6.87
H5 NAG E . 21.02 -21.89 8.92
H61 NAG E . 20.57 -19.78 7.30
H62 NAG E . 20.98 -21.03 6.39
H81 NAG E . 17.05 -24.97 13.03
H82 NAG E . 16.30 -25.54 11.74
H83 NAG E . 15.86 -24.14 12.37
HN2 NAG E . 16.21 -23.52 10.07
HO3 NAG E . 18.87 -25.23 7.59
HO4 NAG E . 20.44 -24.02 6.30
HO6 NAG E . 22.78 -19.92 6.98
C1 NAG F . -0.82 30.45 -4.01
C2 NAG F . -2.23 30.81 -4.49
C3 NAG F . -2.97 31.63 -3.44
C4 NAG F . -3.00 30.87 -2.12
C5 NAG F . -1.58 30.53 -1.70
C6 NAG F . -1.53 29.64 -0.47
C7 NAG F . -2.67 31.05 -6.90
C8 NAG F . -2.54 31.94 -8.10
N2 NAG F . -2.17 31.54 -5.75
O3 NAG F . -4.30 31.86 -3.89
O4 NAG F . -3.64 31.64 -1.11
O5 NAG F . -0.92 29.80 -2.73
O6 NAG F . -0.66 30.16 0.52
O7 NAG F . -3.20 29.95 -6.96
H2 NAG F . -2.73 29.98 -4.63
H3 NAG F . -2.51 32.48 -3.30
H4 NAG F . -3.51 30.05 -2.24
H5 NAG F . -1.09 31.35 -1.52
H61 NAG F . -1.22 28.75 -0.73
H62 NAG F . -2.43 29.56 -0.11
H81 NAG F . -3.05 31.56 -8.84
H82 NAG F . -1.60 32.01 -8.35
H83 NAG F . -2.89 32.83 -7.89
HN2 NAG F . -1.79 32.37 -5.76
HO3 NAG F . -4.80 32.15 -3.21
HO4 NAG F . -3.93 31.09 -0.47
HO6 NAG F . -0.61 29.58 1.20
#